data_4FPK
#
_entry.id   4FPK
#
_cell.length_a   76.231
_cell.length_b   82.551
_cell.length_c   116.299
_cell.angle_alpha   90.000
_cell.angle_beta   90.000
_cell.angle_gamma   90.000
#
_symmetry.space_group_name_H-M   'P 21 21 21'
#
loop_
_entity.id
_entity.type
_entity.pdbx_description
1 polymer 'Sialidase B'
2 non-polymer '2-[(3-methylbenzyl)amino]ethanesulfonic acid'
3 non-polymer 'DIMETHYL SULFOXIDE'
4 water water
#
_entity_poly.entity_id   1
_entity_poly.type   'polypeptide(L)'
_entity_poly.pdbx_seq_one_letter_code
;MNKRGLYSKLGISVVGISLLMGVPTLIHANELNYGQLSISPIFQGGSYQLNNKSIDISSLLLDKLSGESQTVVMKFKADK
PNSLQALFGLSNSKAGFKNNYFSIFMRDSGEIGVEIRDAQKGINYLFSRPASLWGKHKGQAVENTLVFVSDSKDKTYTMY
VNGIEVFSETVDTFLPISNINGIDKATLGAVNREGKEHYLAKGSIDEISLFNKAISDQEVSTIPLSNPFQLIFQSGDSTQ
ANYFRIPTLYTLSSGRVLSSIDARYGGTHDSKSKINIATSYSDDNGKTWSEPIFAMKFNDYEEQLVYWPRDNKLKNSQIS
GSASFIDSSIVEDKKSGKTILLADVMPAGIGNNNANKADSGFKEINGHYYLKLKKNGDNDFRYTVRENGVVYNETTNKPT
NYTINDKYEVLEGGKSLTVEQYSVDFDSGSLRERHNGKQVPMNVFYKDSLFKVTPTNYIAMTTSQNRGESWEQFKLLPPF
LGEKHNGTYLCPGQGLALKSSNRLIFATYTSGELTYLISDDSGQTWKKSSASIPFKNATAEAQMVELRDGVIRTFFRTTT
GKIAYMTSRDSGETWSKVSYIDGIQQTSYGTQVSAIKYSQLIDGKEAVILSTPNSRSGRKGGQLVVGLVNKEDDSIDWKY
HYDIDLPSYGYAYSAITELPNHHIGVLFEKYDSWSRNELHLSNVVQYIDLEINDLTK
;
_entity_poly.pdbx_strand_id   A
#
# COMPACT_ATOMS: atom_id res chain seq x y z
N ILE A 39 -16.32 21.21 -25.12
CA ILE A 39 -17.11 20.79 -26.27
C ILE A 39 -18.31 19.93 -25.87
N SER A 40 -19.44 20.17 -26.52
CA SER A 40 -20.65 19.41 -26.31
C SER A 40 -20.47 17.94 -26.71
N PRO A 41 -21.27 17.05 -26.13
CA PRO A 41 -21.23 15.66 -26.57
C PRO A 41 -22.02 15.47 -27.85
N ILE A 42 -21.56 14.55 -28.69
CA ILE A 42 -22.28 14.16 -29.89
C ILE A 42 -23.39 13.17 -29.51
N PHE A 43 -23.30 12.62 -28.30
CA PHE A 43 -24.29 11.66 -27.82
C PHE A 43 -24.33 11.63 -26.32
N GLN A 44 -25.54 11.58 -25.77
CA GLN A 44 -25.71 11.68 -24.34
C GLN A 44 -26.98 10.94 -23.95
N GLY A 45 -26.84 9.98 -23.05
CA GLY A 45 -27.97 9.14 -22.67
C GLY A 45 -27.81 8.60 -21.27
N GLY A 46 -28.82 7.92 -20.76
CA GLY A 46 -28.74 7.45 -19.40
C GLY A 46 -29.90 6.65 -18.85
N SER A 47 -29.75 6.25 -17.60
CA SER A 47 -30.68 5.36 -16.93
C SER A 47 -30.85 4.08 -17.76
N TYR A 48 -29.73 3.47 -18.13
CA TYR A 48 -29.77 2.18 -18.81
C TYR A 48 -29.58 1.06 -17.81
N GLN A 49 -30.53 0.13 -17.77
CA GLN A 49 -30.41 -1.04 -16.93
C GLN A 49 -29.83 -2.20 -17.75
N LEU A 50 -28.73 -2.77 -17.28
CA LEU A 50 -28.13 -3.92 -17.94
C LEU A 50 -28.46 -5.19 -17.15
N ASN A 51 -29.49 -5.93 -17.57
CA ASN A 51 -29.84 -7.19 -16.91
C ASN A 51 -29.62 -8.39 -17.83
N ASN A 52 -28.37 -8.57 -18.24
CA ASN A 52 -28.00 -9.66 -19.11
C ASN A 52 -28.78 -9.61 -20.41
N LYS A 53 -29.10 -8.40 -20.83
CA LYS A 53 -29.72 -8.13 -22.12
C LYS A 53 -29.15 -6.85 -22.69
N SER A 54 -28.41 -6.97 -23.80
CA SER A 54 -27.74 -5.82 -24.39
C SER A 54 -28.75 -4.81 -24.94
N ILE A 55 -28.34 -3.55 -24.97
CA ILE A 55 -29.20 -2.48 -25.46
C ILE A 55 -28.64 -1.86 -26.72
N ASP A 56 -29.46 -1.77 -27.76
CA ASP A 56 -28.99 -1.26 -29.05
C ASP A 56 -29.16 0.25 -29.19
N ILE A 57 -28.05 0.97 -29.30
CA ILE A 57 -28.09 2.43 -29.47
C ILE A 57 -27.45 2.86 -30.78
N SER A 58 -27.36 1.92 -31.72
CA SER A 58 -26.69 2.18 -32.99
C SER A 58 -27.26 3.38 -33.73
N SER A 59 -28.58 3.49 -33.78
CA SER A 59 -29.23 4.54 -34.56
C SER A 59 -28.92 5.91 -34.00
N LEU A 60 -28.84 5.97 -32.67
CA LEU A 60 -28.54 7.21 -31.97
C LEU A 60 -27.10 7.69 -32.14
N LEU A 61 -26.16 6.76 -32.20
CA LEU A 61 -24.75 7.09 -32.03
C LEU A 61 -23.89 6.96 -33.27
N LEU A 62 -24.05 5.85 -33.99
CA LEU A 62 -23.11 5.50 -35.05
C LEU A 62 -22.88 6.59 -36.09
N ASP A 63 -23.95 7.19 -36.60
CA ASP A 63 -23.79 8.25 -37.60
C ASP A 63 -23.36 9.60 -37.03
N LYS A 64 -23.16 9.66 -35.70
CA LYS A 64 -22.60 10.86 -35.09
C LYS A 64 -21.07 10.78 -35.02
N LEU A 65 -20.55 9.55 -34.95
CA LEU A 65 -19.11 9.34 -34.82
C LEU A 65 -18.31 9.84 -36.01
N SER A 66 -17.36 10.72 -35.77
CA SER A 66 -16.56 11.25 -36.88
C SER A 66 -15.19 11.72 -36.44
N GLY A 67 -14.25 11.70 -37.37
CA GLY A 67 -12.86 11.96 -37.02
C GLY A 67 -12.28 10.76 -36.29
N GLU A 68 -11.02 10.88 -35.90
CA GLU A 68 -10.29 9.74 -35.38
C GLU A 68 -10.03 9.79 -33.87
N SER A 69 -10.48 10.86 -33.20
CA SER A 69 -10.31 11.00 -31.76
C SER A 69 -11.66 11.04 -31.04
N GLN A 70 -11.77 10.27 -29.97
CA GLN A 70 -13.04 10.15 -29.27
C GLN A 70 -12.83 10.10 -27.75
N THR A 71 -13.81 10.60 -27.01
CA THR A 71 -13.82 10.46 -25.56
C THR A 71 -15.13 9.85 -25.13
N VAL A 72 -15.05 8.81 -24.31
CA VAL A 72 -16.23 8.21 -23.71
C VAL A 72 -16.27 8.55 -22.23
N VAL A 73 -17.38 9.12 -21.78
CA VAL A 73 -17.57 9.40 -20.36
C VAL A 73 -18.76 8.59 -19.93
N MET A 74 -18.63 7.86 -18.82
CA MET A 74 -19.67 6.93 -18.46
C MET A 74 -19.75 6.73 -16.95
N LYS A 75 -20.93 7.03 -16.39
CA LYS A 75 -21.16 6.82 -14.98
C LYS A 75 -22.02 5.57 -14.80
N PHE A 76 -21.45 4.59 -14.11
CA PHE A 76 -22.06 3.28 -14.05
C PHE A 76 -21.92 2.60 -12.70
N LYS A 77 -22.79 1.62 -12.48
CA LYS A 77 -22.79 0.80 -11.29
C LYS A 77 -22.74 -0.66 -11.67
N ALA A 78 -22.07 -1.45 -10.84
CA ALA A 78 -22.02 -2.89 -10.98
C ALA A 78 -21.67 -3.45 -9.62
N ASP A 79 -22.70 -3.75 -8.84
CA ASP A 79 -22.50 -4.35 -7.52
C ASP A 79 -22.65 -5.86 -7.57
N LYS A 80 -23.09 -6.39 -8.71
CA LYS A 80 -23.17 -7.84 -8.93
C LYS A 80 -22.68 -8.20 -10.32
N PRO A 81 -21.43 -7.83 -10.66
CA PRO A 81 -20.99 -8.07 -12.04
C PRO A 81 -20.90 -9.54 -12.39
N ASN A 82 -21.12 -9.86 -13.66
CA ASN A 82 -20.72 -11.17 -14.15
C ASN A 82 -19.21 -11.28 -14.12
N SER A 83 -18.70 -12.50 -14.24
CA SER A 83 -17.26 -12.78 -14.25
C SER A 83 -16.49 -11.87 -15.22
N LEU A 84 -17.07 -11.68 -16.39
CA LEU A 84 -16.46 -10.84 -17.41
C LEU A 84 -17.57 -10.20 -18.22
N GLN A 85 -17.63 -8.87 -18.21
CA GLN A 85 -18.69 -8.18 -18.95
C GLN A 85 -18.27 -6.90 -19.66
N ALA A 86 -18.85 -6.67 -20.83
CA ALA A 86 -18.65 -5.45 -21.58
C ALA A 86 -19.72 -4.41 -21.22
N LEU A 87 -19.29 -3.19 -20.96
CA LEU A 87 -20.20 -2.09 -20.67
C LEU A 87 -20.62 -1.38 -21.96
N PHE A 88 -19.69 -1.25 -22.88
CA PHE A 88 -19.93 -0.50 -24.09
C PHE A 88 -19.23 -1.19 -25.23
N GLY A 89 -19.93 -1.35 -26.36
CA GLY A 89 -19.33 -1.95 -27.53
C GLY A 89 -19.62 -1.23 -28.84
N LEU A 90 -18.61 -1.19 -29.69
CA LEU A 90 -18.71 -0.74 -31.07
C LEU A 90 -18.21 -1.88 -31.96
N SER A 91 -19.08 -2.46 -32.77
CA SER A 91 -18.67 -3.66 -33.51
C SER A 91 -19.18 -3.77 -34.94
N ASN A 92 -18.42 -4.51 -35.73
CA ASN A 92 -18.90 -5.08 -36.99
C ASN A 92 -19.58 -6.35 -36.55
N SER A 93 -20.89 -6.43 -36.73
CA SER A 93 -21.65 -7.58 -36.27
C SER A 93 -21.84 -8.64 -37.37
N LYS A 94 -21.26 -8.40 -38.55
CA LYS A 94 -21.47 -9.31 -39.68
C LYS A 94 -20.69 -10.63 -39.56
N ALA A 95 -21.18 -11.66 -40.23
CA ALA A 95 -20.55 -12.96 -40.17
C ALA A 95 -19.12 -12.87 -40.70
N GLY A 96 -18.19 -13.49 -39.99
CA GLY A 96 -16.80 -13.50 -40.42
C GLY A 96 -15.97 -12.32 -39.96
N PHE A 97 -16.60 -11.40 -39.25
CA PHE A 97 -15.89 -10.25 -38.70
C PHE A 97 -15.93 -10.15 -37.17
N LYS A 98 -15.91 -11.30 -36.51
CA LYS A 98 -16.06 -11.35 -35.06
C LYS A 98 -14.94 -10.67 -34.28
N ASN A 99 -13.82 -10.38 -34.95
CA ASN A 99 -12.70 -9.75 -34.28
C ASN A 99 -12.47 -8.32 -34.72
N ASN A 100 -13.56 -7.69 -35.14
CA ASN A 100 -13.56 -6.27 -35.44
C ASN A 100 -14.53 -5.60 -34.46
N TYR A 101 -14.00 -5.09 -33.35
CA TYR A 101 -14.80 -4.35 -32.39
C TYR A 101 -13.98 -3.52 -31.42
N PHE A 102 -14.63 -2.51 -30.86
CA PHE A 102 -14.14 -1.81 -29.69
C PHE A 102 -15.07 -2.15 -28.54
N SER A 103 -14.50 -2.32 -27.36
CA SER A 103 -15.30 -2.56 -26.17
C SER A 103 -14.63 -1.96 -24.92
N ILE A 104 -15.45 -1.60 -23.95
CA ILE A 104 -14.98 -1.24 -22.63
C ILE A 104 -15.51 -2.34 -21.75
N PHE A 105 -14.61 -3.09 -21.11
CA PHE A 105 -15.05 -4.27 -20.35
C PHE A 105 -14.52 -4.24 -18.92
N MET A 106 -15.19 -4.99 -18.05
CA MET A 106 -14.73 -5.19 -16.68
C MET A 106 -14.78 -6.67 -16.30
N ARG A 107 -14.06 -7.02 -15.23
CA ARG A 107 -14.11 -8.37 -14.68
C ARG A 107 -14.64 -8.27 -13.25
N ASP A 108 -15.13 -9.38 -12.70
CA ASP A 108 -15.65 -9.33 -11.33
C ASP A 108 -14.53 -9.20 -10.30
N SER A 109 -13.29 -9.12 -10.77
CA SER A 109 -12.16 -8.83 -9.89
C SER A 109 -11.95 -7.33 -9.70
N GLY A 110 -12.68 -6.51 -10.46
CA GLY A 110 -12.53 -5.06 -10.39
C GLY A 110 -11.67 -4.48 -11.49
N GLU A 111 -11.15 -5.34 -12.36
CA GLU A 111 -10.33 -4.92 -13.50
C GLU A 111 -11.18 -4.16 -14.51
N ILE A 112 -10.58 -3.14 -15.13
CA ILE A 112 -11.21 -2.43 -16.24
C ILE A 112 -10.25 -2.48 -17.43
N GLY A 113 -10.79 -2.42 -18.64
CA GLY A 113 -9.95 -2.35 -19.83
C GLY A 113 -10.70 -2.10 -21.13
N VAL A 114 -9.95 -1.97 -22.22
CA VAL A 114 -10.56 -1.92 -23.55
C VAL A 114 -9.92 -2.89 -24.52
N GLU A 115 -10.71 -3.33 -25.49
CA GLU A 115 -10.22 -4.03 -26.67
C GLU A 115 -10.44 -3.15 -27.88
N ILE A 116 -9.48 -3.12 -28.78
CA ILE A 116 -9.62 -2.39 -30.03
C ILE A 116 -9.08 -3.28 -31.15
N ARG A 117 -9.99 -3.94 -31.85
CA ARG A 117 -9.59 -4.99 -32.80
C ARG A 117 -10.11 -4.75 -34.21
N ASP A 118 -9.23 -4.97 -35.17
CA ASP A 118 -9.58 -4.92 -36.58
C ASP A 118 -8.79 -5.99 -37.30
N ALA A 119 -9.48 -7.02 -37.81
CA ALA A 119 -8.79 -8.16 -38.42
C ALA A 119 -8.05 -7.79 -39.68
N GLN A 120 -8.63 -6.90 -40.47
CA GLN A 120 -8.04 -6.53 -41.75
C GLN A 120 -6.75 -5.71 -41.54
N LYS A 121 -6.75 -4.89 -40.49
CA LYS A 121 -5.58 -4.09 -40.16
C LYS A 121 -4.59 -4.93 -39.38
N GLY A 122 -4.94 -6.16 -39.08
CA GLY A 122 -4.12 -7.01 -38.25
C GLY A 122 -3.83 -6.42 -36.88
N ILE A 123 -4.79 -5.68 -36.32
CA ILE A 123 -4.64 -5.08 -35.00
C ILE A 123 -5.54 -5.71 -33.94
N ASN A 124 -4.91 -6.22 -32.88
CA ASN A 124 -5.62 -6.69 -31.70
C ASN A 124 -5.04 -6.08 -30.42
N TYR A 125 -5.62 -4.95 -30.03
CA TYR A 125 -5.16 -4.24 -28.85
C TYR A 125 -5.99 -4.58 -27.62
N LEU A 126 -5.28 -4.88 -26.55
CA LEU A 126 -5.92 -5.07 -25.25
C LEU A 126 -5.16 -4.25 -24.23
N PHE A 127 -5.82 -3.28 -23.62
CA PHE A 127 -5.24 -2.60 -22.46
C PHE A 127 -6.16 -2.76 -21.28
N SER A 128 -5.60 -2.88 -20.08
CA SER A 128 -6.42 -3.00 -18.89
C SER A 128 -5.59 -2.76 -17.64
N ARG A 129 -6.27 -2.60 -16.52
CA ARG A 129 -5.60 -2.60 -15.23
C ARG A 129 -6.51 -3.25 -14.19
N PRO A 130 -5.97 -4.22 -13.46
CA PRO A 130 -6.71 -4.83 -12.35
C PRO A 130 -7.05 -3.80 -11.29
N ALA A 131 -7.99 -4.15 -10.41
CA ALA A 131 -8.33 -3.33 -9.23
C ALA A 131 -8.55 -1.83 -9.53
N SER A 132 -9.41 -1.53 -10.50
CA SER A 132 -9.70 -0.15 -10.84
C SER A 132 -11.09 0.32 -10.41
N LEU A 133 -11.92 -0.58 -9.91
CA LEU A 133 -13.32 -0.23 -9.65
C LEU A 133 -13.80 -0.28 -8.18
N TRP A 134 -14.88 0.45 -7.91
CA TRP A 134 -15.67 0.20 -6.70
C TRP A 134 -16.99 -0.50 -7.03
N GLY A 135 -17.45 -1.33 -6.10
CA GLY A 135 -18.72 -2.02 -6.27
C GLY A 135 -19.77 -1.48 -5.32
N LYS A 136 -19.49 -1.55 -4.02
CA LYS A 136 -20.43 -1.13 -2.98
C LYS A 136 -19.74 -0.29 -1.90
N HIS A 137 -20.50 0.56 -1.24
CA HIS A 137 -20.03 1.34 -0.11
C HIS A 137 -21.22 1.59 0.80
N LYS A 138 -21.13 1.16 2.05
CA LYS A 138 -22.23 1.26 3.00
C LYS A 138 -23.47 0.57 2.45
N GLY A 139 -23.24 -0.53 1.73
CA GLY A 139 -24.33 -1.32 1.17
C GLY A 139 -25.08 -0.72 -0.03
N GLN A 140 -24.57 0.36 -0.59
CA GLN A 140 -25.17 0.91 -1.80
C GLN A 140 -24.19 0.85 -2.96
N ALA A 141 -24.70 0.49 -4.13
CA ALA A 141 -23.89 0.43 -5.33
C ALA A 141 -23.17 1.75 -5.62
N VAL A 142 -21.86 1.68 -5.87
CA VAL A 142 -21.08 2.87 -6.16
C VAL A 142 -21.19 3.27 -7.63
N GLU A 143 -21.44 4.56 -7.89
CA GLU A 143 -21.40 5.09 -9.24
C GLU A 143 -19.95 5.36 -9.65
N ASN A 144 -19.40 4.49 -10.49
CA ASN A 144 -18.06 4.69 -11.02
C ASN A 144 -18.09 5.65 -12.21
N THR A 145 -17.12 6.55 -12.24
CA THR A 145 -17.00 7.55 -13.28
C THR A 145 -15.83 7.20 -14.16
N LEU A 146 -16.15 6.88 -15.41
CA LEU A 146 -15.16 6.33 -16.33
C LEU A 146 -14.96 7.30 -17.48
N VAL A 147 -13.71 7.63 -17.74
CA VAL A 147 -13.36 8.54 -18.83
C VAL A 147 -12.30 7.88 -19.68
N PHE A 148 -12.65 7.55 -20.91
CA PHE A 148 -11.70 6.92 -21.83
C PHE A 148 -11.40 7.85 -23.01
N VAL A 149 -10.12 8.20 -23.16
CA VAL A 149 -9.68 9.11 -24.21
C VAL A 149 -8.88 8.39 -25.29
N SER A 150 -9.38 8.42 -26.53
CA SER A 150 -8.75 7.78 -27.69
C SER A 150 -8.23 8.87 -28.61
N ASP A 151 -6.92 9.11 -28.54
CA ASP A 151 -6.34 10.33 -29.09
C ASP A 151 -5.47 10.03 -30.32
N SER A 152 -5.93 10.45 -31.50
CA SER A 152 -5.27 10.05 -32.73
C SER A 152 -3.99 10.82 -33.02
N LYS A 153 -3.83 12.00 -32.46
CA LYS A 153 -2.64 12.79 -32.72
C LYS A 153 -1.46 12.22 -31.95
N ASP A 154 -1.69 11.87 -30.69
CA ASP A 154 -0.64 11.35 -29.84
C ASP A 154 -0.56 9.83 -29.90
N LYS A 155 -1.45 9.22 -30.67
CA LYS A 155 -1.51 7.78 -30.83
C LYS A 155 -1.59 7.07 -29.48
N THR A 156 -2.44 7.59 -28.60
CA THR A 156 -2.45 7.20 -27.21
C THR A 156 -3.86 6.91 -26.68
N TYR A 157 -4.01 5.79 -25.99
CA TYR A 157 -5.26 5.43 -25.35
C TYR A 157 -5.12 5.61 -23.84
N THR A 158 -6.02 6.37 -23.24
CA THR A 158 -5.94 6.66 -21.82
C THR A 158 -7.27 6.38 -21.11
N MET A 159 -7.20 5.66 -20.00
CA MET A 159 -8.38 5.29 -19.23
C MET A 159 -8.30 5.87 -17.83
N TYR A 160 -9.38 6.53 -17.42
CA TYR A 160 -9.46 7.09 -16.08
C TYR A 160 -10.67 6.47 -15.42
N VAL A 161 -10.53 6.11 -14.15
CA VAL A 161 -11.68 5.61 -13.42
C VAL A 161 -11.67 6.23 -12.04
N ASN A 162 -12.78 6.90 -11.70
CA ASN A 162 -12.94 7.54 -10.40
C ASN A 162 -11.83 8.52 -10.08
N GLY A 163 -11.40 9.26 -11.11
CA GLY A 163 -10.40 10.31 -10.97
C GLY A 163 -8.96 9.82 -11.03
N ILE A 164 -8.80 8.56 -11.38
CA ILE A 164 -7.49 7.92 -11.37
C ILE A 164 -7.15 7.34 -12.73
N GLU A 165 -6.06 7.81 -13.30
CA GLU A 165 -5.57 7.26 -14.55
C GLU A 165 -5.05 5.87 -14.23
N VAL A 166 -5.64 4.85 -14.84
CA VAL A 166 -5.22 3.48 -14.60
C VAL A 166 -4.37 2.91 -15.75
N PHE A 167 -4.52 3.46 -16.94
CA PHE A 167 -3.54 3.22 -17.98
C PHE A 167 -3.45 4.33 -19.03
N SER A 168 -2.27 4.47 -19.60
CA SER A 168 -2.03 5.36 -20.72
C SER A 168 -1.05 4.68 -21.68
N GLU A 169 -1.57 4.24 -22.83
CA GLU A 169 -0.78 3.44 -23.76
C GLU A 169 -0.58 4.12 -25.11
N THR A 170 0.68 4.22 -25.52
CA THR A 170 1.00 4.74 -26.86
C THR A 170 1.33 3.58 -27.78
N VAL A 171 0.82 3.64 -29.02
CA VAL A 171 1.10 2.59 -30.00
C VAL A 171 1.78 3.21 -31.19
N ASP A 172 2.46 2.39 -31.99
CA ASP A 172 3.07 2.92 -33.21
C ASP A 172 2.03 3.00 -34.32
N THR A 173 1.07 2.07 -34.31
CA THR A 173 -0.04 2.08 -35.27
C THR A 173 -1.41 2.32 -34.62
N PHE A 174 -1.85 3.58 -34.61
CA PHE A 174 -3.12 3.94 -33.99
C PHE A 174 -4.34 3.40 -34.74
N LEU A 175 -5.34 2.98 -33.97
CA LEU A 175 -6.59 2.52 -34.53
C LEU A 175 -7.73 3.29 -33.87
N PRO A 176 -8.31 4.24 -34.62
CA PRO A 176 -9.49 4.95 -34.12
C PRO A 176 -10.59 3.95 -33.85
N ILE A 177 -11.32 4.12 -32.75
CA ILE A 177 -12.37 3.19 -32.36
C ILE A 177 -13.52 3.26 -33.34
N SER A 178 -13.54 4.37 -34.07
CA SER A 178 -14.52 4.64 -35.08
C SER A 178 -14.11 3.95 -36.37
N ASN A 179 -12.80 3.95 -36.64
CA ASN A 179 -12.27 3.48 -37.92
C ASN A 179 -12.13 1.94 -38.04
N ILE A 180 -12.79 1.20 -37.17
CA ILE A 180 -12.77 -0.26 -37.27
C ILE A 180 -13.61 -0.72 -38.47
N ASN A 181 -13.07 -1.64 -39.25
CA ASN A 181 -13.65 -2.08 -40.51
C ASN A 181 -15.06 -2.69 -40.37
N GLY A 182 -16.03 -2.09 -41.07
CA GLY A 182 -17.39 -2.59 -41.08
C GLY A 182 -18.24 -2.39 -39.84
N ILE A 183 -17.88 -1.46 -38.98
CA ILE A 183 -18.66 -1.22 -37.77
C ILE A 183 -20.13 -0.90 -38.08
N ASP A 184 -21.04 -1.64 -37.46
CA ASP A 184 -22.47 -1.44 -37.72
C ASP A 184 -23.34 -1.57 -36.48
N LYS A 185 -22.71 -1.70 -35.32
CA LYS A 185 -23.48 -1.80 -34.08
C LYS A 185 -22.84 -0.99 -32.97
N ALA A 186 -23.68 -0.29 -32.20
CA ALA A 186 -23.25 0.34 -30.96
C ALA A 186 -24.13 -0.22 -29.85
N THR A 187 -23.50 -0.76 -28.82
CA THR A 187 -24.15 -1.63 -27.86
C THR A 187 -23.81 -1.30 -26.40
N LEU A 188 -24.81 -1.41 -25.54
CA LEU A 188 -24.60 -1.27 -24.11
C LEU A 188 -24.85 -2.60 -23.42
N GLY A 189 -23.91 -3.01 -22.57
CA GLY A 189 -24.08 -4.25 -21.81
C GLY A 189 -23.73 -5.54 -22.54
N ALA A 190 -23.31 -5.43 -23.80
CA ALA A 190 -22.67 -6.55 -24.49
C ALA A 190 -21.82 -6.08 -25.66
N VAL A 191 -21.10 -7.01 -26.27
CA VAL A 191 -20.56 -6.77 -27.58
C VAL A 191 -21.27 -7.74 -28.55
N ASN A 192 -21.82 -7.19 -29.63
CA ASN A 192 -22.49 -7.99 -30.66
C ASN A 192 -21.45 -8.52 -31.64
N ARG A 193 -21.22 -9.84 -31.62
CA ARG A 193 -20.29 -10.50 -32.54
C ARG A 193 -21.00 -11.57 -33.39
N GLU A 194 -20.97 -11.40 -34.71
CA GLU A 194 -21.69 -12.28 -35.63
C GLU A 194 -23.15 -12.49 -35.20
N GLY A 195 -23.80 -11.40 -34.83
CA GLY A 195 -25.20 -11.41 -34.47
C GLY A 195 -25.56 -11.91 -33.09
N LYS A 196 -24.56 -12.16 -32.23
CA LYS A 196 -24.83 -12.70 -30.89
C LYS A 196 -24.26 -11.84 -29.76
N GLU A 197 -24.91 -11.90 -28.60
CA GLU A 197 -24.47 -11.14 -27.44
C GLU A 197 -23.28 -11.79 -26.73
N HIS A 198 -22.10 -11.17 -26.83
CA HIS A 198 -20.93 -11.62 -26.09
C HIS A 198 -20.65 -10.69 -24.92
N TYR A 199 -20.06 -11.24 -23.86
CA TYR A 199 -19.71 -10.44 -22.68
C TYR A 199 -20.90 -9.70 -22.08
N LEU A 200 -22.05 -10.37 -22.01
CA LEU A 200 -23.26 -9.83 -21.41
C LEU A 200 -23.03 -9.29 -20.01
N ALA A 201 -23.57 -8.10 -19.75
CA ALA A 201 -23.33 -7.41 -18.49
C ALA A 201 -24.51 -7.40 -17.51
N LYS A 202 -24.19 -7.39 -16.22
CA LYS A 202 -25.14 -7.07 -15.18
C LYS A 202 -24.63 -5.82 -14.45
N GLY A 203 -25.40 -4.74 -14.55
CA GLY A 203 -25.12 -3.50 -13.87
C GLY A 203 -26.06 -2.45 -14.42
N SER A 204 -25.71 -1.18 -14.29
CA SER A 204 -26.51 -0.14 -14.92
C SER A 204 -25.60 0.98 -15.34
N ILE A 205 -26.02 1.72 -16.36
CA ILE A 205 -25.29 2.88 -16.83
C ILE A 205 -26.15 4.12 -16.65
N ASP A 206 -25.83 4.89 -15.61
CA ASP A 206 -26.61 6.07 -15.27
C ASP A 206 -26.45 7.17 -16.31
N GLU A 207 -25.25 7.29 -16.88
CA GLU A 207 -24.94 8.31 -17.87
C GLU A 207 -23.85 7.85 -18.84
N ILE A 208 -24.06 8.10 -20.13
CA ILE A 208 -22.99 7.87 -21.08
C ILE A 208 -22.98 8.97 -22.14
N SER A 209 -21.79 9.51 -22.39
CA SER A 209 -21.60 10.61 -23.31
C SER A 209 -20.39 10.35 -24.21
N LEU A 210 -20.48 10.77 -25.46
CA LEU A 210 -19.37 10.59 -26.40
C LEU A 210 -19.00 11.90 -27.07
N PHE A 211 -17.71 12.07 -27.29
CA PHE A 211 -17.18 13.31 -27.82
C PHE A 211 -16.28 12.95 -28.99
N ASN A 212 -16.45 13.65 -30.11
CA ASN A 212 -15.52 13.50 -31.23
C ASN A 212 -14.28 14.36 -31.00
N LYS A 213 -13.69 14.22 -29.83
CA LYS A 213 -12.48 14.93 -29.45
C LYS A 213 -11.76 14.12 -28.37
N ALA A 214 -10.44 14.22 -28.35
CA ALA A 214 -9.66 13.69 -27.26
C ALA A 214 -9.50 14.82 -26.25
N ILE A 215 -10.33 14.83 -25.22
CA ILE A 215 -10.31 15.92 -24.25
C ILE A 215 -9.01 15.93 -23.43
N SER A 216 -8.58 17.12 -23.01
CA SER A 216 -7.30 17.26 -22.33
C SER A 216 -7.31 16.66 -20.94
N ASP A 217 -6.13 16.45 -20.38
CA ASP A 217 -6.03 16.00 -19.01
C ASP A 217 -6.68 17.02 -18.08
N GLN A 218 -6.58 18.29 -18.46
CA GLN A 218 -7.17 19.38 -17.68
C GLN A 218 -8.68 19.31 -17.69
N GLU A 219 -9.26 19.08 -18.86
CA GLU A 219 -10.71 18.96 -18.99
C GLU A 219 -11.25 17.77 -18.21
N VAL A 220 -10.49 16.67 -18.22
CA VAL A 220 -10.90 15.45 -17.52
C VAL A 220 -11.03 15.69 -16.02
N SER A 221 -10.14 16.53 -15.51
CA SER A 221 -10.07 16.82 -14.07
C SER A 221 -11.31 17.56 -13.60
N THR A 222 -12.01 18.20 -14.52
CA THR A 222 -13.21 18.96 -14.14
C THR A 222 -14.51 18.15 -14.21
N ILE A 223 -14.43 16.91 -14.68
CA ILE A 223 -15.59 16.03 -14.67
C ILE A 223 -15.87 15.58 -13.23
N PRO A 224 -17.07 15.88 -12.73
CA PRO A 224 -17.45 15.60 -11.35
C PRO A 224 -17.43 14.11 -11.03
N LEU A 225 -17.03 13.77 -9.82
CA LEU A 225 -16.93 12.38 -9.43
C LEU A 225 -17.91 12.05 -8.31
N SER A 226 -18.14 10.76 -8.09
CA SER A 226 -19.03 10.31 -7.03
C SER A 226 -18.29 9.28 -6.19
N ASN A 227 -17.05 9.61 -5.86
CA ASN A 227 -16.18 8.67 -5.16
C ASN A 227 -16.63 8.39 -3.73
N PRO A 228 -16.59 7.11 -3.34
CA PRO A 228 -16.82 6.79 -1.93
C PRO A 228 -15.54 6.96 -1.13
N PHE A 229 -14.43 7.23 -1.81
CA PHE A 229 -13.12 7.25 -1.17
C PHE A 229 -12.35 8.56 -1.31
N GLN A 230 -11.22 8.62 -0.61
CA GLN A 230 -10.27 9.73 -0.65
C GLN A 230 -8.86 9.15 -0.81
N LEU A 231 -7.96 9.92 -1.41
CA LEU A 231 -6.56 9.58 -1.40
C LEU A 231 -5.86 10.46 -0.39
N ILE A 232 -5.05 9.87 0.48
CA ILE A 232 -4.17 10.66 1.32
C ILE A 232 -2.86 10.82 0.56
N PHE A 233 -2.17 9.71 0.35
CA PHE A 233 -0.98 9.69 -0.48
C PHE A 233 -1.41 9.35 -1.90
N GLN A 234 -0.69 9.87 -2.89
CA GLN A 234 -1.08 9.63 -4.29
C GLN A 234 0.05 9.97 -5.26
N SER A 235 -0.02 9.39 -6.45
CA SER A 235 1.02 9.60 -7.47
C SER A 235 1.16 11.09 -7.80
N GLY A 236 2.38 11.60 -7.77
CA GLY A 236 2.64 12.99 -8.05
C GLY A 236 2.65 13.91 -6.85
N ASP A 237 2.41 13.37 -5.66
CA ASP A 237 2.47 14.21 -4.47
C ASP A 237 3.92 14.52 -4.10
N SER A 238 4.10 15.17 -2.97
CA SER A 238 5.42 15.58 -2.53
C SER A 238 6.44 14.44 -2.36
N THR A 239 5.97 13.20 -2.23
CA THR A 239 6.88 12.06 -2.10
C THR A 239 7.54 11.70 -3.41
N GLN A 240 6.82 11.89 -4.51
CA GLN A 240 7.25 11.47 -5.85
C GLN A 240 7.44 9.95 -5.97
N ALA A 241 6.81 9.18 -5.08
CA ALA A 241 6.71 7.75 -5.30
C ALA A 241 5.44 7.49 -6.08
N ASN A 242 5.52 6.66 -7.10
CA ASN A 242 4.36 6.32 -7.92
C ASN A 242 3.50 5.25 -7.25
N TYR A 243 4.02 4.66 -6.18
CA TYR A 243 3.34 3.54 -5.50
C TYR A 243 3.39 3.68 -3.99
N PHE A 244 2.44 3.03 -3.31
CA PHE A 244 2.33 3.12 -1.85
C PHE A 244 1.85 1.79 -1.27
N ARG A 245 2.41 1.42 -0.12
CA ARG A 245 1.97 0.22 0.57
C ARG A 245 2.10 0.38 2.07
N ILE A 246 1.46 -0.52 2.81
CA ILE A 246 1.60 -0.59 4.26
C ILE A 246 1.11 0.69 4.96
N PRO A 247 -0.19 0.99 4.86
CA PRO A 247 -0.77 2.19 5.49
C PRO A 247 -0.86 2.07 7.00
N THR A 248 -0.77 3.20 7.70
CA THR A 248 -1.02 3.26 9.14
C THR A 248 -1.98 4.41 9.43
N LEU A 249 -2.60 4.37 10.60
CA LEU A 249 -3.48 5.45 11.06
C LEU A 249 -3.43 5.47 12.57
N TYR A 250 -3.31 6.67 13.14
CA TYR A 250 -3.31 6.82 14.57
C TYR A 250 -3.91 8.17 14.95
N THR A 251 -4.87 8.17 15.87
CA THR A 251 -5.46 9.42 16.37
C THR A 251 -4.69 9.99 17.56
N LEU A 252 -4.19 11.20 17.41
CA LEU A 252 -3.47 11.90 18.50
C LEU A 252 -4.42 12.60 19.47
N SER A 253 -3.96 12.85 20.68
CA SER A 253 -4.82 13.35 21.74
C SER A 253 -5.40 14.74 21.41
N SER A 254 -4.68 15.50 20.58
CA SER A 254 -5.16 16.81 20.16
C SER A 254 -6.29 16.74 19.14
N GLY A 255 -6.54 15.55 18.59
CA GLY A 255 -7.59 15.37 17.61
C GLY A 255 -7.04 15.23 16.20
N ARG A 256 -5.79 15.65 16.01
CA ARG A 256 -5.08 15.40 14.76
C ARG A 256 -4.94 13.90 14.48
N VAL A 257 -5.28 13.50 13.27
CA VAL A 257 -5.13 12.12 12.84
C VAL A 257 -3.90 11.97 11.96
N LEU A 258 -3.06 11.00 12.29
CA LEU A 258 -1.76 10.84 11.66
C LEU A 258 -1.73 9.55 10.87
N SER A 259 -0.98 9.57 9.77
CA SER A 259 -0.87 8.41 8.92
C SER A 259 0.57 8.26 8.43
N SER A 260 1.04 7.03 8.35
CA SER A 260 2.31 6.80 7.69
C SER A 260 2.14 5.67 6.70
N ILE A 261 3.13 5.52 5.85
CA ILE A 261 2.98 4.63 4.73
C ILE A 261 4.34 4.39 4.10
N ASP A 262 4.48 3.26 3.41
CA ASP A 262 5.67 3.03 2.59
C ASP A 262 5.50 3.82 1.32
N ALA A 263 6.36 4.80 1.07
CA ALA A 263 6.39 5.43 -0.24
C ALA A 263 7.29 4.58 -1.15
N ARG A 264 6.69 3.79 -2.02
CA ARG A 264 7.48 2.83 -2.82
C ARG A 264 7.78 3.32 -4.23
N TYR A 265 9.07 3.41 -4.52
CA TYR A 265 9.56 3.95 -5.78
C TYR A 265 9.70 2.90 -6.88
N GLY A 266 10.29 1.75 -6.56
CA GLY A 266 10.56 0.73 -7.57
C GLY A 266 9.41 -0.27 -7.66
N GLY A 267 8.28 0.18 -8.18
CA GLY A 267 7.08 -0.62 -8.12
C GLY A 267 6.65 -0.85 -6.67
N THR A 268 5.83 -1.87 -6.48
CA THR A 268 5.27 -2.15 -5.17
C THR A 268 6.06 -3.25 -4.45
N HIS A 269 7.20 -3.65 -5.03
CA HIS A 269 8.09 -4.65 -4.43
C HIS A 269 8.53 -4.28 -3.01
N ASP A 270 8.53 -5.27 -2.12
CA ASP A 270 9.24 -5.19 -0.83
C ASP A 270 10.73 -4.95 -1.11
N SER A 271 11.45 -4.33 -0.19
CA SER A 271 12.91 -4.27 -0.33
C SER A 271 13.49 -5.66 -0.71
N LYS A 272 14.41 -5.73 -1.68
CA LYS A 272 15.14 -4.58 -2.23
C LYS A 272 14.40 -3.69 -3.24
N SER A 273 14.57 -2.38 -3.04
CA SER A 273 13.90 -1.34 -3.81
C SER A 273 14.35 -0.06 -3.14
N LYS A 274 13.79 1.05 -3.59
CA LYS A 274 13.89 2.27 -2.82
C LYS A 274 12.53 2.53 -2.22
N ILE A 275 12.51 2.72 -0.91
CA ILE A 275 11.30 3.03 -0.15
C ILE A 275 11.64 4.03 0.96
N ASN A 276 10.89 5.13 1.02
CA ASN A 276 10.92 6.05 2.14
C ASN A 276 9.65 5.91 2.95
N ILE A 277 9.70 6.31 4.21
CA ILE A 277 8.49 6.43 5.02
C ILE A 277 7.93 7.85 5.01
N ALA A 278 6.70 8.00 4.52
CA ALA A 278 6.08 9.32 4.46
C ALA A 278 4.93 9.45 5.45
N THR A 279 4.61 10.67 5.86
CA THR A 279 3.47 10.89 6.74
C THR A 279 2.57 12.02 6.25
N SER A 280 1.31 12.00 6.68
CA SER A 280 0.36 13.07 6.42
C SER A 280 -0.65 13.12 7.58
N TYR A 281 -1.20 14.31 7.85
CA TYR A 281 -2.17 14.41 8.94
C TYR A 281 -3.44 15.11 8.55
N SER A 282 -4.49 14.89 9.34
CA SER A 282 -5.76 15.54 9.12
C SER A 282 -6.14 16.18 10.43
N ASP A 283 -6.56 17.44 10.36
CA ASP A 283 -6.99 18.19 11.53
C ASP A 283 -8.49 18.41 11.54
N ASP A 284 -9.21 17.72 10.64
CA ASP A 284 -10.65 17.91 10.50
C ASP A 284 -11.39 16.57 10.35
N ASN A 285 -11.00 15.60 11.16
CA ASN A 285 -11.65 14.28 11.19
C ASN A 285 -11.55 13.49 9.89
N GLY A 286 -10.46 13.66 9.16
CA GLY A 286 -10.22 12.85 7.98
C GLY A 286 -10.73 13.41 6.67
N LYS A 287 -11.29 14.63 6.75
CA LYS A 287 -11.86 15.29 5.59
C LYS A 287 -10.79 15.77 4.60
N THR A 288 -9.73 16.36 5.13
CA THR A 288 -8.59 16.74 4.30
C THR A 288 -7.31 16.38 5.00
N TRP A 289 -6.22 16.34 4.23
CA TRP A 289 -4.95 15.78 4.69
C TRP A 289 -3.80 16.63 4.21
N SER A 290 -2.75 16.74 5.01
CA SER A 290 -1.59 17.53 4.65
C SER A 290 -0.80 16.95 3.47
N GLU A 291 -0.10 17.82 2.75
CA GLU A 291 0.87 17.37 1.79
C GLU A 291 1.94 16.59 2.57
N PRO A 292 2.25 15.38 2.10
CA PRO A 292 3.10 14.48 2.88
C PRO A 292 4.51 15.02 3.08
N ILE A 293 5.18 14.56 4.13
CA ILE A 293 6.59 14.80 4.33
C ILE A 293 7.19 13.43 4.66
N PHE A 294 8.52 13.34 4.68
CA PHE A 294 9.18 12.09 5.05
C PHE A 294 9.51 12.04 6.52
N ALA A 295 9.16 10.94 7.16
CA ALA A 295 9.65 10.67 8.50
C ALA A 295 10.99 9.94 8.41
N MET A 296 11.16 9.15 7.36
CA MET A 296 12.41 8.43 7.16
C MET A 296 12.81 8.35 5.69
N LYS A 297 14.02 8.82 5.38
CA LYS A 297 14.48 8.77 4.00
C LYS A 297 16.00 8.63 3.81
N PHE A 298 16.36 8.03 2.70
CA PHE A 298 17.75 7.91 2.28
C PHE A 298 17.90 8.70 0.99
N ASN A 299 19.13 9.13 0.69
CA ASN A 299 19.39 9.97 -0.47
C ASN A 299 20.30 9.33 -1.51
N ASP A 300 20.73 8.09 -1.25
CA ASP A 300 21.62 7.40 -2.19
C ASP A 300 21.00 7.27 -3.59
N TYR A 301 19.69 7.08 -3.66
CA TYR A 301 18.98 7.10 -4.94
C TYR A 301 17.99 8.26 -4.95
N GLU A 302 17.92 8.95 -6.09
CA GLU A 302 16.92 9.98 -6.35
C GLU A 302 15.50 9.46 -6.07
N GLU A 303 14.63 10.33 -5.57
CA GLU A 303 13.20 10.05 -5.49
C GLU A 303 12.55 10.31 -6.86
N GLN A 304 12.21 9.26 -7.58
CA GLN A 304 11.71 9.40 -8.94
C GLN A 304 10.30 8.82 -9.14
N LEU A 305 9.45 9.59 -9.80
CA LEU A 305 8.14 9.08 -10.17
C LEU A 305 8.31 8.22 -11.42
N VAL A 306 8.33 6.90 -11.23
CA VAL A 306 8.59 5.98 -12.34
C VAL A 306 7.42 5.01 -12.59
N TYR A 307 7.07 4.85 -13.85
CA TYR A 307 6.06 3.88 -14.21
C TYR A 307 6.74 2.52 -14.42
N TRP A 308 6.54 1.63 -13.46
CA TRP A 308 7.17 0.31 -13.45
C TRP A 308 6.50 -0.66 -14.45
N PRO A 309 7.29 -1.35 -15.28
CA PRO A 309 6.69 -2.29 -16.25
C PRO A 309 5.80 -3.34 -15.59
N ARG A 310 4.67 -3.63 -16.23
CA ARG A 310 3.74 -4.61 -15.69
C ARG A 310 3.73 -5.88 -16.51
N ASP A 311 4.53 -5.91 -17.58
CA ASP A 311 4.61 -7.09 -18.41
C ASP A 311 5.44 -8.16 -17.72
N ASN A 312 5.20 -9.41 -18.07
CA ASN A 312 5.81 -10.54 -17.38
C ASN A 312 7.34 -10.59 -17.46
N LYS A 313 7.88 -10.18 -18.60
CA LYS A 313 9.33 -10.20 -18.75
C LYS A 313 10.00 -9.22 -17.80
N LEU A 314 9.33 -8.12 -17.46
CA LEU A 314 9.98 -7.02 -16.75
C LEU A 314 9.44 -6.64 -15.36
N LYS A 315 8.25 -7.10 -15.00
CA LYS A 315 7.62 -6.64 -13.76
C LYS A 315 8.44 -6.89 -12.50
N ASN A 316 9.24 -7.95 -12.49
CA ASN A 316 10.14 -8.24 -11.38
C ASN A 316 11.47 -7.50 -11.42
N SER A 317 11.61 -6.53 -12.30
CA SER A 317 12.74 -5.63 -12.22
C SER A 317 12.72 -4.94 -10.85
N GLN A 318 13.90 -4.82 -10.25
CA GLN A 318 14.02 -4.36 -8.88
C GLN A 318 15.13 -3.33 -8.76
N ILE A 319 14.86 -2.23 -8.09
CA ILE A 319 15.94 -1.30 -7.76
C ILE A 319 16.81 -2.03 -6.77
N SER A 320 18.03 -2.32 -7.18
CA SER A 320 18.82 -3.34 -6.52
C SER A 320 19.96 -2.80 -5.69
N GLY A 321 20.24 -1.51 -5.81
CA GLY A 321 21.37 -0.93 -5.10
C GLY A 321 21.02 0.18 -4.13
N SER A 322 19.76 0.27 -3.74
CA SER A 322 19.30 1.34 -2.85
C SER A 322 19.04 0.88 -1.42
N ALA A 323 19.40 1.71 -0.45
CA ALA A 323 19.02 1.48 0.93
C ALA A 323 17.53 1.78 1.03
N SER A 324 16.86 1.26 2.04
CA SER A 324 15.46 1.62 2.21
C SER A 324 14.87 1.27 3.56
N PHE A 325 13.72 1.86 3.81
CA PHE A 325 12.90 1.55 4.97
C PHE A 325 11.72 0.69 4.52
N ILE A 326 11.02 0.07 5.45
CA ILE A 326 9.81 -0.70 5.15
C ILE A 326 9.07 -0.98 6.44
N ASP A 327 7.74 -0.90 6.41
CA ASP A 327 6.91 -1.20 7.59
C ASP A 327 7.04 -0.19 8.74
N SER A 328 6.22 0.85 8.71
CA SER A 328 6.21 1.82 9.80
C SER A 328 5.15 1.46 10.83
N SER A 329 5.34 1.94 12.06
CA SER A 329 4.35 1.80 13.12
C SER A 329 4.39 3.04 14.00
N ILE A 330 3.23 3.44 14.51
CA ILE A 330 3.09 4.74 15.16
C ILE A 330 2.51 4.63 16.56
N VAL A 331 3.01 5.44 17.48
CA VAL A 331 2.43 5.53 18.81
C VAL A 331 2.59 6.95 19.35
N GLU A 332 1.66 7.37 20.21
CA GLU A 332 1.79 8.66 20.89
C GLU A 332 2.03 8.48 22.39
N ASP A 333 3.05 9.17 22.90
CA ASP A 333 3.42 9.09 24.31
C ASP A 333 2.81 10.24 25.08
N LYS A 334 1.84 9.91 25.92
CA LYS A 334 1.13 10.88 26.77
C LYS A 334 2.05 11.80 27.59
N LYS A 335 3.07 11.23 28.24
CA LYS A 335 3.83 12.03 29.18
C LYS A 335 4.62 13.16 28.51
N SER A 336 5.37 12.83 27.46
CA SER A 336 6.19 13.84 26.79
C SER A 336 5.38 14.58 25.72
N GLY A 337 4.37 13.89 25.19
CA GLY A 337 3.57 14.46 24.12
C GLY A 337 4.13 14.13 22.76
N LYS A 338 5.30 13.50 22.74
CA LYS A 338 5.95 13.13 21.49
C LYS A 338 5.12 12.09 20.75
N THR A 339 5.22 12.10 19.42
CA THR A 339 4.77 10.99 18.59
C THR A 339 5.99 10.13 18.22
N ILE A 340 5.85 8.82 18.27
CA ILE A 340 6.99 7.93 17.98
C ILE A 340 6.70 7.02 16.78
N LEU A 341 7.66 6.96 15.88
CA LEU A 341 7.52 6.18 14.66
C LEU A 341 8.73 5.29 14.48
N LEU A 342 8.45 4.01 14.30
CA LEU A 342 9.46 3.01 14.04
C LEU A 342 9.27 2.49 12.61
N ALA A 343 10.36 2.03 12.01
CA ALA A 343 10.30 1.34 10.73
C ALA A 343 11.48 0.38 10.63
N ASP A 344 11.33 -0.68 9.82
CA ASP A 344 12.48 -1.50 9.48
C ASP A 344 13.43 -0.69 8.61
N VAL A 345 14.72 -0.95 8.71
CA VAL A 345 15.72 -0.34 7.84
C VAL A 345 16.53 -1.41 7.14
N MET A 346 16.89 -1.15 5.89
CA MET A 346 17.71 -2.08 5.12
C MET A 346 18.80 -1.32 4.38
N PRO A 347 20.06 -1.79 4.51
CA PRO A 347 21.16 -1.19 3.75
C PRO A 347 21.08 -1.60 2.29
N ALA A 348 21.84 -0.91 1.43
CA ALA A 348 21.77 -1.06 -0.02
C ALA A 348 21.89 -2.50 -0.49
N GLY A 349 21.05 -2.84 -1.47
CA GLY A 349 21.02 -4.16 -2.05
C GLY A 349 20.18 -5.16 -1.29
N ILE A 350 19.87 -4.83 -0.04
CA ILE A 350 19.45 -5.83 0.94
C ILE A 350 17.96 -5.81 1.31
N GLY A 351 17.35 -7.00 1.29
CA GLY A 351 15.96 -7.17 1.68
C GLY A 351 15.75 -8.39 2.59
N ASN A 352 14.60 -9.05 2.44
CA ASN A 352 14.25 -10.23 3.23
C ASN A 352 15.06 -11.45 2.80
N ASN A 353 15.17 -11.64 1.48
CA ASN A 353 15.92 -12.77 0.90
C ASN A 353 17.37 -12.83 1.40
N ASN A 354 18.11 -11.78 1.10
CA ASN A 354 19.53 -11.72 1.43
C ASN A 354 19.83 -10.95 2.73
N ALA A 355 18.89 -10.97 3.68
CA ALA A 355 19.14 -10.43 5.01
C ALA A 355 20.02 -11.41 5.78
N ASN A 356 21.16 -10.94 6.25
CA ASN A 356 22.06 -11.74 7.07
C ASN A 356 21.31 -12.35 8.26
N LYS A 357 20.86 -13.58 8.10
CA LYS A 357 20.09 -14.26 9.14
C LYS A 357 20.99 -15.04 10.10
N ALA A 358 22.05 -14.38 10.59
CA ALA A 358 22.98 -15.02 11.52
C ALA A 358 23.78 -13.96 12.27
N ASP A 359 23.47 -12.69 12.01
CA ASP A 359 24.21 -11.57 12.59
C ASP A 359 23.26 -10.42 12.89
N SER A 360 23.33 -9.91 14.11
CA SER A 360 22.57 -8.72 14.50
C SER A 360 23.12 -7.46 13.86
N GLY A 361 24.40 -7.48 13.49
CA GLY A 361 25.04 -6.32 12.92
C GLY A 361 25.69 -5.47 13.99
N PHE A 362 25.54 -5.91 15.24
CA PHE A 362 26.22 -5.28 16.37
C PHE A 362 27.21 -6.24 17.01
N LYS A 363 28.21 -5.69 17.71
CA LYS A 363 29.09 -6.52 18.52
C LYS A 363 28.94 -6.19 20.00
N GLU A 364 28.85 -7.23 20.83
CA GLU A 364 28.78 -7.03 22.27
C GLU A 364 30.17 -6.87 22.86
N ILE A 365 30.37 -5.78 23.59
CA ILE A 365 31.63 -5.53 24.30
C ILE A 365 31.34 -4.92 25.66
N ASN A 366 31.62 -5.69 26.71
CA ASN A 366 31.35 -5.29 28.09
C ASN A 366 29.87 -5.11 28.40
N GLY A 367 29.04 -5.95 27.81
CA GLY A 367 27.61 -5.85 28.01
C GLY A 367 27.01 -4.65 27.32
N HIS A 368 27.70 -4.16 26.30
CA HIS A 368 27.22 -3.03 25.49
C HIS A 368 27.24 -3.35 24.00
N TYR A 369 26.39 -2.69 23.23
CA TYR A 369 26.24 -2.99 21.82
C TYR A 369 26.84 -1.92 20.92
N TYR A 370 27.66 -2.35 19.97
CA TYR A 370 28.22 -1.44 18.99
C TYR A 370 27.97 -1.90 17.55
N LEU A 371 27.47 -0.98 16.73
CA LEU A 371 27.22 -1.21 15.32
C LEU A 371 28.50 -1.58 14.57
N LYS A 372 28.51 -2.74 13.94
CA LYS A 372 29.68 -3.19 13.19
C LYS A 372 29.79 -2.42 11.87
N LEU A 373 31.02 -2.27 11.38
CA LEU A 373 31.24 -1.62 10.08
C LEU A 373 32.26 -2.39 9.26
N LYS A 374 32.11 -2.34 7.93
CA LYS A 374 33.11 -2.90 7.06
C LYS A 374 33.64 -1.79 6.14
N LYS A 375 34.96 -1.62 6.12
CA LYS A 375 35.58 -0.61 5.27
C LYS A 375 35.89 -1.19 3.90
N ASN A 376 35.65 -0.38 2.87
CA ASN A 376 36.00 -0.68 1.48
C ASN A 376 37.35 -1.41 1.35
N GLY A 377 37.29 -2.69 0.98
CA GLY A 377 38.51 -3.45 0.77
C GLY A 377 38.70 -4.63 1.72
N ASP A 378 37.98 -4.67 2.83
CA ASP A 378 38.13 -5.76 3.77
C ASP A 378 37.16 -6.89 3.46
N ASN A 379 37.52 -8.10 3.88
CA ASN A 379 36.65 -9.27 3.73
C ASN A 379 35.90 -9.57 5.01
N ASP A 380 36.07 -8.71 6.00
CA ASP A 380 35.44 -8.91 7.29
C ASP A 380 35.11 -7.57 7.93
N PHE A 381 34.30 -7.60 8.98
CA PHE A 381 33.91 -6.38 9.67
C PHE A 381 34.91 -6.08 10.78
N ARG A 382 35.87 -5.20 10.49
CA ARG A 382 36.96 -4.94 11.42
C ARG A 382 36.80 -3.63 12.16
N TYR A 383 35.59 -3.08 12.14
CA TYR A 383 35.35 -1.77 12.73
C TYR A 383 34.03 -1.74 13.51
N THR A 384 33.94 -0.84 14.47
CA THR A 384 32.73 -0.67 15.25
C THR A 384 32.51 0.82 15.42
N VAL A 385 31.26 1.22 15.65
CA VAL A 385 30.96 2.58 16.01
C VAL A 385 30.79 2.66 17.52
N ARG A 386 31.80 3.14 18.21
CA ARG A 386 31.70 3.28 19.66
C ARG A 386 31.11 4.63 20.00
N GLU A 387 31.21 5.02 21.26
CA GLU A 387 30.58 6.24 21.73
C GLU A 387 31.11 7.46 21.00
N ASN A 388 30.24 8.46 20.85
CA ASN A 388 30.53 9.65 20.05
C ASN A 388 30.89 9.32 18.60
N GLY A 389 30.23 8.31 18.04
CA GLY A 389 30.36 7.97 16.63
C GLY A 389 31.73 7.49 16.19
N VAL A 390 32.69 7.55 17.10
CA VAL A 390 34.07 7.22 16.80
C VAL A 390 34.22 5.84 16.17
N VAL A 391 34.73 5.82 14.95
CA VAL A 391 34.96 4.56 14.25
C VAL A 391 36.24 3.97 14.79
N TYR A 392 36.18 2.69 15.11
CA TYR A 392 37.16 2.06 15.97
C TYR A 392 37.65 0.78 15.30
N ASN A 393 38.96 0.64 15.20
CA ASN A 393 39.53 -0.56 14.61
C ASN A 393 39.54 -1.69 15.62
N GLU A 394 38.89 -2.80 15.29
CA GLU A 394 38.80 -3.92 16.22
C GLU A 394 40.06 -4.76 16.23
N THR A 395 40.85 -4.67 15.16
CA THR A 395 42.07 -5.46 15.03
C THR A 395 43.16 -4.87 15.92
N THR A 396 43.21 -3.55 15.99
CA THR A 396 44.26 -2.87 16.73
C THR A 396 43.75 -2.27 18.03
N ASN A 397 42.43 -2.18 18.14
CA ASN A 397 41.78 -1.46 19.24
C ASN A 397 42.16 0.03 19.31
N LYS A 398 42.69 0.53 18.20
CA LYS A 398 42.96 1.95 18.05
C LYS A 398 41.79 2.57 17.29
N PRO A 399 41.38 3.78 17.72
CA PRO A 399 40.34 4.53 17.01
C PRO A 399 40.86 5.08 15.68
N THR A 400 39.95 5.47 14.80
CA THR A 400 40.32 5.98 13.48
C THR A 400 40.08 7.47 13.40
N ASN A 401 40.44 8.05 12.26
CA ASN A 401 40.16 9.46 12.01
C ASN A 401 38.72 9.66 11.52
N TYR A 402 37.99 8.56 11.34
CA TYR A 402 36.61 8.61 10.88
C TYR A 402 35.63 8.55 12.04
N THR A 403 34.54 9.32 11.94
CA THR A 403 33.44 9.18 12.89
C THR A 403 32.09 9.14 12.16
N ILE A 404 31.06 8.69 12.87
CA ILE A 404 29.70 8.61 12.35
C ILE A 404 28.79 9.62 13.05
N ASN A 405 28.16 10.51 12.29
CA ASN A 405 27.30 11.52 12.89
C ASN A 405 25.92 10.96 13.26
N ASP A 406 25.03 11.84 13.71
CA ASP A 406 23.72 11.43 14.18
C ASP A 406 22.91 10.83 13.04
N LYS A 407 23.26 11.23 11.82
CA LYS A 407 22.51 10.89 10.63
C LYS A 407 23.08 9.65 9.94
N TYR A 408 23.88 8.87 10.67
CA TYR A 408 24.60 7.72 10.11
C TYR A 408 25.41 8.09 8.87
N GLU A 409 25.90 9.32 8.84
CA GLU A 409 26.74 9.81 7.78
C GLU A 409 28.21 9.78 8.21
N VAL A 410 29.10 9.59 7.24
CA VAL A 410 30.52 9.43 7.51
C VAL A 410 31.25 10.77 7.52
N LEU A 411 32.11 10.97 8.51
CA LEU A 411 32.96 12.15 8.56
C LEU A 411 34.41 11.75 8.77
N GLU A 412 35.33 12.39 8.06
CA GLU A 412 36.74 12.16 8.28
C GLU A 412 37.39 13.44 8.79
N GLY A 413 37.93 13.38 10.00
CA GLY A 413 38.48 14.57 10.65
C GLY A 413 37.46 15.67 10.76
N GLY A 414 36.20 15.30 11.01
CA GLY A 414 35.15 16.29 11.14
C GLY A 414 34.60 16.79 9.81
N LYS A 415 35.23 16.37 8.70
CA LYS A 415 34.71 16.74 7.39
C LYS A 415 33.84 15.64 6.76
N SER A 416 32.72 16.05 6.18
CA SER A 416 31.71 15.10 5.72
C SER A 416 31.94 14.59 4.31
N LEU A 417 32.05 13.26 4.19
CA LEU A 417 32.28 12.61 2.91
C LEU A 417 30.99 12.49 2.12
N THR A 418 31.10 12.44 0.80
CA THR A 418 29.93 12.32 -0.06
C THR A 418 30.01 11.12 -1.01
N VAL A 419 28.88 10.77 -1.60
CA VAL A 419 28.84 9.80 -2.67
C VAL A 419 27.96 10.38 -3.75
N GLU A 420 28.11 9.87 -4.98
CA GLU A 420 27.28 10.35 -6.07
C GLU A 420 25.99 9.54 -6.08
N GLN A 421 24.87 10.24 -6.25
CA GLN A 421 23.53 9.64 -6.24
C GLN A 421 23.23 8.81 -7.50
N TYR A 422 22.33 7.83 -7.36
CA TYR A 422 21.86 7.08 -8.52
C TYR A 422 20.45 7.51 -8.99
N SER A 423 20.21 7.39 -10.29
CA SER A 423 18.85 7.47 -10.84
C SER A 423 18.57 6.21 -11.64
N VAL A 424 17.29 5.84 -11.76
CA VAL A 424 16.92 4.64 -12.48
C VAL A 424 16.10 4.97 -13.72
N ASP A 425 16.18 4.10 -14.73
CA ASP A 425 15.44 4.29 -15.98
C ASP A 425 15.36 2.96 -16.72
N PHE A 426 14.33 2.82 -17.55
CA PHE A 426 14.15 1.66 -18.42
C PHE A 426 14.42 2.00 -19.90
N ASP A 427 15.08 3.13 -20.16
CA ASP A 427 15.26 3.62 -21.52
C ASP A 427 16.00 2.66 -22.44
N SER A 428 16.89 1.85 -21.89
CA SER A 428 17.67 0.91 -22.70
C SER A 428 16.85 -0.33 -23.02
N GLY A 429 15.71 -0.47 -22.38
CA GLY A 429 14.89 -1.66 -22.56
C GLY A 429 14.71 -2.40 -21.26
N SER A 430 15.77 -2.47 -20.46
CA SER A 430 15.70 -3.02 -19.11
C SER A 430 16.14 -1.98 -18.07
N LEU A 431 16.00 -2.29 -16.80
CA LEU A 431 16.30 -1.33 -15.73
C LEU A 431 17.79 -1.05 -15.60
N ARG A 432 18.15 0.24 -15.53
CA ARG A 432 19.53 0.66 -15.28
C ARG A 432 19.65 1.56 -14.05
N GLU A 433 20.69 1.34 -13.26
CA GLU A 433 20.94 2.21 -12.12
C GLU A 433 22.26 2.93 -12.35
N ARG A 434 22.17 4.24 -12.59
CA ARG A 434 23.31 5.01 -13.09
C ARG A 434 23.61 6.19 -12.20
N HIS A 435 24.89 6.51 -12.05
CA HIS A 435 25.28 7.74 -11.35
C HIS A 435 24.70 8.93 -12.08
N ASN A 436 24.21 9.91 -11.32
CA ASN A 436 23.44 10.98 -11.92
C ASN A 436 24.08 12.36 -11.82
N GLY A 437 25.28 12.41 -11.24
CA GLY A 437 26.05 13.64 -11.17
C GLY A 437 25.92 14.44 -9.87
N LYS A 438 24.95 14.08 -9.05
CA LYS A 438 24.66 14.82 -7.82
C LYS A 438 25.31 14.15 -6.62
N GLN A 439 26.05 14.91 -5.81
CA GLN A 439 26.66 14.35 -4.62
C GLN A 439 25.73 14.46 -3.40
N VAL A 440 25.76 13.45 -2.54
CA VAL A 440 24.96 13.47 -1.31
C VAL A 440 25.81 12.92 -0.17
N PRO A 441 25.44 13.22 1.09
CA PRO A 441 26.29 12.79 2.20
C PRO A 441 26.49 11.27 2.25
N MET A 442 27.71 10.83 2.52
CA MET A 442 28.01 9.41 2.61
C MET A 442 27.36 8.77 3.84
N ASN A 443 26.48 7.80 3.60
CA ASN A 443 25.76 7.12 4.67
C ASN A 443 26.15 5.65 4.72
N VAL A 444 26.38 5.14 5.92
CA VAL A 444 26.85 3.76 6.08
C VAL A 444 25.87 2.67 5.62
N PHE A 445 24.63 3.07 5.30
CA PHE A 445 23.65 2.15 4.71
C PHE A 445 23.76 2.11 3.17
N TYR A 446 24.65 2.91 2.60
CA TYR A 446 24.73 3.05 1.14
C TYR A 446 25.70 2.08 0.47
N LYS A 447 25.50 1.86 -0.83
CA LYS A 447 26.36 0.98 -1.59
C LYS A 447 27.75 1.59 -1.87
N ASP A 448 27.80 2.91 -2.05
CA ASP A 448 29.07 3.59 -2.38
C ASP A 448 29.83 4.07 -1.14
N SER A 449 29.33 3.73 0.06
CA SER A 449 29.93 4.20 1.31
C SER A 449 31.27 3.52 1.60
N LEU A 450 32.23 4.28 2.08
CA LEU A 450 33.53 3.73 2.52
C LEU A 450 33.33 2.75 3.67
N PHE A 451 32.39 3.07 4.57
CA PHE A 451 32.06 2.17 5.67
C PHE A 451 30.61 1.66 5.53
N LYS A 452 30.43 0.34 5.64
CA LYS A 452 29.11 -0.26 5.45
C LYS A 452 28.66 -1.09 6.65
N VAL A 453 27.39 -0.97 6.99
CA VAL A 453 26.83 -1.81 8.02
C VAL A 453 26.68 -3.25 7.52
N THR A 454 26.45 -4.16 8.45
CA THR A 454 26.14 -5.54 8.15
C THR A 454 24.85 -5.63 7.33
N PRO A 455 24.87 -6.41 6.24
CA PRO A 455 23.71 -6.53 5.37
C PRO A 455 22.60 -7.35 5.99
N THR A 456 21.81 -6.72 6.86
CA THR A 456 20.69 -7.38 7.51
C THR A 456 19.62 -6.35 7.84
N ASN A 457 18.49 -6.79 8.40
CA ASN A 457 17.43 -5.86 8.78
C ASN A 457 17.63 -5.29 10.18
N TYR A 458 17.40 -3.98 10.29
CA TYR A 458 17.49 -3.28 11.57
C TYR A 458 16.15 -2.64 11.88
N ILE A 459 16.02 -2.07 13.06
CA ILE A 459 14.84 -1.30 13.42
C ILE A 459 15.23 0.14 13.79
N ALA A 460 14.62 1.12 13.11
CA ALA A 460 14.85 2.54 13.40
C ALA A 460 13.66 3.19 14.09
N MET A 461 13.95 4.26 14.82
CA MET A 461 12.95 5.02 15.56
C MET A 461 13.17 6.50 15.30
N THR A 462 12.13 7.23 14.92
CA THR A 462 12.21 8.69 14.88
C THR A 462 11.13 9.27 15.80
N THR A 463 11.22 10.56 16.11
CA THR A 463 10.15 11.22 16.86
C THR A 463 9.75 12.56 16.24
N SER A 464 8.51 12.98 16.49
CA SER A 464 8.06 14.32 16.19
C SER A 464 7.58 15.06 17.46
N GLN A 465 8.03 16.30 17.63
CA GLN A 465 7.56 17.11 18.74
C GLN A 465 6.39 18.01 18.33
N ASN A 466 6.09 18.04 17.04
CA ASN A 466 5.02 18.92 16.53
C ASN A 466 3.87 18.14 15.86
N ARG A 467 3.64 16.93 16.36
CA ARG A 467 2.61 16.03 15.84
C ARG A 467 2.70 15.80 14.35
N GLY A 468 3.90 15.50 13.88
CA GLY A 468 4.07 15.14 12.49
C GLY A 468 4.19 16.30 11.51
N GLU A 469 4.52 17.48 12.01
CA GLU A 469 4.87 18.56 11.10
C GLU A 469 6.34 18.44 10.71
N SER A 470 7.13 17.76 11.54
CA SER A 470 8.52 17.42 11.20
C SER A 470 9.03 16.25 12.06
N TRP A 471 10.01 15.52 11.55
CA TRP A 471 10.52 14.37 12.25
C TRP A 471 12.03 14.47 12.50
N GLU A 472 12.49 13.95 13.63
CA GLU A 472 13.92 13.90 13.95
C GLU A 472 14.64 12.89 13.08
N GLN A 473 15.97 12.95 13.12
CA GLN A 473 16.81 11.91 12.55
C GLN A 473 16.57 10.63 13.35
N PHE A 474 16.53 9.49 12.66
CA PHE A 474 16.25 8.25 13.35
C PHE A 474 17.48 7.71 14.08
N LYS A 475 17.24 6.88 15.08
CA LYS A 475 18.31 6.11 15.69
C LYS A 475 17.99 4.62 15.51
N LEU A 476 19.03 3.81 15.36
CA LEU A 476 18.84 2.36 15.44
C LEU A 476 18.49 1.91 16.87
N LEU A 477 17.54 0.99 16.98
CA LEU A 477 17.30 0.28 18.23
C LEU A 477 18.42 -0.75 18.41
N PRO A 478 18.75 -1.11 19.66
CA PRO A 478 19.74 -2.15 19.92
C PRO A 478 19.19 -3.56 19.66
N PRO A 479 20.06 -4.56 19.54
CA PRO A 479 19.56 -5.94 19.42
C PRO A 479 18.84 -6.36 20.70
N PHE A 480 17.85 -7.23 20.60
CA PHE A 480 17.10 -7.66 21.78
C PHE A 480 17.27 -9.14 22.02
N LEU A 481 17.43 -9.88 20.93
CA LEU A 481 17.55 -11.33 21.00
C LEU A 481 19.02 -11.75 20.93
N GLY A 482 19.91 -10.77 20.90
CA GLY A 482 21.32 -11.08 21.04
C GLY A 482 22.24 -10.87 19.86
N GLU A 483 23.52 -11.01 20.12
CA GLU A 483 24.60 -10.72 19.18
C GLU A 483 24.48 -11.49 17.87
N LYS A 484 24.26 -12.79 17.96
CA LYS A 484 24.26 -13.64 16.78
C LYS A 484 22.87 -13.77 16.16
N HIS A 485 21.86 -13.17 16.79
CA HIS A 485 20.51 -13.21 16.23
C HIS A 485 20.28 -11.98 15.38
N ASN A 486 19.90 -12.17 14.12
CA ASN A 486 19.52 -11.05 13.28
C ASN A 486 18.18 -10.51 13.79
N GLY A 487 18.02 -9.19 13.73
CA GLY A 487 16.91 -8.53 14.40
C GLY A 487 15.49 -8.94 14.00
N THR A 488 14.55 -8.61 14.88
CA THR A 488 13.13 -8.87 14.63
C THR A 488 12.52 -7.93 13.57
N TYR A 489 11.28 -8.23 13.20
CA TYR A 489 10.57 -7.52 12.15
C TYR A 489 9.40 -6.75 12.71
N LEU A 490 9.37 -5.45 12.46
CA LEU A 490 8.34 -4.59 13.00
C LEU A 490 6.98 -4.97 12.47
N CYS A 491 6.01 -5.03 13.37
CA CYS A 491 4.63 -5.18 12.96
C CYS A 491 4.10 -3.81 12.55
N PRO A 492 3.74 -3.64 11.28
CA PRO A 492 3.31 -2.31 10.86
C PRO A 492 1.90 -1.98 11.33
N GLY A 493 1.66 -0.70 11.56
CA GLY A 493 0.37 -0.24 12.02
C GLY A 493 0.54 0.69 13.20
N GLN A 494 0.02 0.28 14.34
CA GLN A 494 0.15 1.06 15.57
C GLN A 494 0.95 0.34 16.65
N GLY A 495 1.65 1.13 17.46
CA GLY A 495 2.10 0.70 18.77
C GLY A 495 0.95 0.89 19.74
N LEU A 496 1.15 0.54 21.00
CA LEU A 496 0.10 0.65 21.98
C LEU A 496 0.56 1.54 23.12
N ALA A 497 -0.24 2.56 23.42
CA ALA A 497 -0.03 3.37 24.61
C ALA A 497 -1.07 2.93 25.63
N LEU A 498 -0.62 2.23 26.67
CA LEU A 498 -1.51 1.81 27.74
C LEU A 498 -2.14 3.06 28.34
N LYS A 499 -3.45 2.98 28.57
CA LYS A 499 -4.24 4.14 29.00
C LYS A 499 -3.95 4.58 30.43
N SER A 500 -3.67 3.62 31.31
CA SER A 500 -3.54 3.93 32.73
C SER A 500 -2.09 4.12 33.17
N SER A 501 -1.15 4.16 32.21
CA SER A 501 0.24 4.44 32.55
C SER A 501 1.05 5.09 31.42
N ASN A 502 2.37 5.06 31.57
CA ASN A 502 3.29 5.60 30.57
C ASN A 502 3.86 4.52 29.63
N ARG A 503 3.43 3.29 29.79
CA ARG A 503 3.99 2.19 29.01
C ARG A 503 3.69 2.28 27.50
N LEU A 504 4.76 2.24 26.70
CA LEU A 504 4.68 2.12 25.25
C LEU A 504 5.10 0.72 24.76
N ILE A 505 4.29 0.08 23.93
CA ILE A 505 4.64 -1.22 23.37
C ILE A 505 4.60 -1.27 21.83
N PHE A 506 5.70 -1.70 21.21
CA PHE A 506 5.67 -1.98 19.78
C PHE A 506 5.86 -3.48 19.55
N ALA A 507 4.90 -4.09 18.85
CA ALA A 507 5.01 -5.50 18.53
C ALA A 507 5.99 -5.72 17.38
N THR A 508 6.81 -6.76 17.51
CA THR A 508 7.62 -7.24 16.39
C THR A 508 7.56 -8.76 16.31
N TYR A 509 7.97 -9.32 15.18
CA TYR A 509 7.99 -10.77 15.05
C TYR A 509 9.33 -11.29 14.57
N THR A 510 9.58 -12.55 14.88
CA THR A 510 10.69 -13.29 14.32
C THR A 510 10.28 -14.75 14.38
N SER A 511 11.19 -15.65 14.01
CA SER A 511 10.85 -17.07 13.95
C SER A 511 10.52 -17.63 15.35
N GLY A 512 9.35 -18.23 15.48
CA GLY A 512 8.96 -18.88 16.72
C GLY A 512 8.40 -18.02 17.84
N GLU A 513 8.36 -16.70 17.65
CA GLU A 513 7.81 -15.83 18.69
C GLU A 513 7.41 -14.44 18.21
N LEU A 514 6.55 -13.80 18.99
CA LEU A 514 6.38 -12.37 18.88
C LEU A 514 7.38 -11.79 19.86
N THR A 515 7.92 -10.62 19.56
CA THR A 515 8.81 -9.97 20.48
C THR A 515 8.31 -8.55 20.69
N TYR A 516 7.63 -8.32 21.79
CA TYR A 516 7.10 -7.00 22.06
C TYR A 516 8.21 -6.09 22.56
N LEU A 517 8.24 -4.86 22.05
CA LEU A 517 9.21 -3.88 22.55
C LEU A 517 8.52 -2.93 23.52
N ILE A 518 9.08 -2.83 24.73
CA ILE A 518 8.45 -2.11 25.83
C ILE A 518 9.32 -0.98 26.34
N SER A 519 8.75 0.23 26.39
CA SER A 519 9.41 1.37 27.03
C SER A 519 8.48 1.99 28.05
N ASP A 520 9.04 2.42 29.17
CA ASP A 520 8.27 3.14 30.18
C ASP A 520 8.80 4.57 30.31
N ASP A 521 9.79 4.92 29.50
CA ASP A 521 10.39 6.24 29.60
C ASP A 521 10.40 6.99 28.26
N SER A 522 9.23 7.11 27.64
CA SER A 522 9.08 7.84 26.39
C SER A 522 9.99 7.33 25.28
N GLY A 523 10.23 6.02 25.26
CA GLY A 523 11.04 5.42 24.20
C GLY A 523 12.54 5.69 24.22
N GLN A 524 13.06 6.22 25.32
CA GLN A 524 14.50 6.36 25.46
C GLN A 524 15.18 4.99 25.58
N THR A 525 14.58 4.12 26.38
CA THR A 525 15.10 2.77 26.51
C THR A 525 13.97 1.78 26.28
N TRP A 526 14.35 0.61 25.76
CA TRP A 526 13.39 -0.41 25.40
C TRP A 526 13.82 -1.72 25.99
N LYS A 527 12.85 -2.56 26.34
CA LYS A 527 13.11 -3.93 26.76
C LYS A 527 12.19 -4.87 25.99
N LYS A 528 12.57 -6.14 25.89
CA LYS A 528 11.79 -7.10 25.12
C LYS A 528 10.93 -7.95 26.04
N SER A 529 9.80 -8.41 25.53
CA SER A 529 9.00 -9.39 26.22
C SER A 529 8.67 -10.40 25.15
N SER A 530 9.30 -11.58 25.22
CA SER A 530 9.09 -12.61 24.19
C SER A 530 7.85 -13.44 24.47
N ALA A 531 7.12 -13.77 23.42
CA ALA A 531 5.93 -14.62 23.52
C ALA A 531 5.88 -15.66 22.39
N SER A 532 6.20 -16.90 22.73
CA SER A 532 6.33 -17.99 21.78
C SER A 532 5.06 -18.24 20.98
N ILE A 533 5.22 -18.52 19.69
CA ILE A 533 4.09 -18.94 18.85
C ILE A 533 4.46 -20.23 18.11
N PRO A 534 3.45 -21.05 17.78
CA PRO A 534 3.72 -22.36 17.16
C PRO A 534 3.98 -22.29 15.66
N PHE A 535 4.92 -21.44 15.25
CA PHE A 535 5.24 -21.30 13.83
C PHE A 535 6.72 -21.01 13.69
N LYS A 536 7.37 -21.64 12.72
CA LYS A 536 8.69 -21.20 12.29
C LYS A 536 8.50 -20.42 10.99
N ASN A 537 9.30 -19.38 10.82
CA ASN A 537 9.28 -18.54 9.61
C ASN A 537 7.90 -18.01 9.19
N ALA A 538 7.09 -17.58 10.15
CA ALA A 538 5.80 -16.98 9.87
C ALA A 538 5.93 -15.46 9.77
N THR A 539 5.23 -14.85 8.83
CA THR A 539 5.14 -13.40 8.80
C THR A 539 4.02 -13.03 9.76
N ALA A 540 4.37 -12.88 11.04
CA ALA A 540 3.39 -12.79 12.10
C ALA A 540 3.12 -11.33 12.47
N GLU A 541 2.56 -10.58 11.53
CA GLU A 541 2.22 -9.19 11.78
C GLU A 541 1.08 -9.13 12.79
N ALA A 542 1.35 -8.44 13.89
CA ALA A 542 0.52 -8.45 15.08
C ALA A 542 0.07 -7.05 15.44
N GLN A 543 -1.19 -6.91 15.82
CA GLN A 543 -1.68 -5.65 16.37
C GLN A 543 -2.42 -5.87 17.70
N MET A 544 -2.30 -4.89 18.58
CA MET A 544 -2.82 -5.01 19.94
C MET A 544 -4.01 -4.10 20.19
N VAL A 545 -4.94 -4.59 21.00
CA VAL A 545 -5.95 -3.74 21.63
C VAL A 545 -5.90 -3.87 23.15
N GLU A 546 -6.19 -2.78 23.86
CA GLU A 546 -6.33 -2.85 25.31
C GLU A 546 -7.80 -3.12 25.65
N LEU A 547 -8.10 -4.33 26.12
CA LEU A 547 -9.48 -4.71 26.41
C LEU A 547 -10.02 -4.02 27.68
N ARG A 548 -9.14 -3.87 28.66
CA ARG A 548 -9.37 -2.98 29.80
C ARG A 548 -8.01 -2.69 30.39
N ASP A 549 -7.98 -1.86 31.43
CA ASP A 549 -6.74 -1.43 32.05
C ASP A 549 -5.83 -2.64 32.35
N GLY A 550 -4.65 -2.65 31.73
CA GLY A 550 -3.69 -3.72 31.93
C GLY A 550 -3.92 -5.01 31.16
N VAL A 551 -5.01 -5.10 30.40
CA VAL A 551 -5.35 -6.30 29.62
C VAL A 551 -5.18 -6.06 28.12
N ILE A 552 -4.15 -6.68 27.54
CA ILE A 552 -3.84 -6.47 26.13
C ILE A 552 -4.17 -7.71 25.32
N ARG A 553 -4.94 -7.55 24.26
CA ARG A 553 -5.04 -8.65 23.30
C ARG A 553 -4.39 -8.32 21.97
N THR A 554 -3.63 -9.28 21.48
CA THR A 554 -2.91 -9.14 20.24
C THR A 554 -3.53 -10.07 19.19
N PHE A 555 -3.87 -9.51 18.04
CA PHE A 555 -4.35 -10.31 16.92
C PHE A 555 -3.23 -10.39 15.89
N PHE A 556 -2.92 -11.59 15.41
CA PHE A 556 -1.85 -11.68 14.45
C PHE A 556 -2.07 -12.66 13.32
N ARG A 557 -1.36 -12.37 12.23
CA ARG A 557 -1.35 -13.17 11.01
C ARG A 557 -0.58 -14.48 11.19
N THR A 558 -1.07 -15.56 10.59
CA THR A 558 -0.44 -16.87 10.75
C THR A 558 -0.26 -17.55 9.40
N THR A 559 0.02 -18.85 9.45
CA THR A 559 0.10 -19.66 8.23
C THR A 559 -1.02 -20.68 8.14
N THR A 560 -1.98 -20.61 9.06
CA THR A 560 -3.02 -21.63 9.20
C THR A 560 -4.35 -21.31 8.53
N GLY A 561 -4.51 -20.09 8.01
CA GLY A 561 -5.79 -19.67 7.49
C GLY A 561 -6.72 -19.00 8.49
N LYS A 562 -6.35 -19.02 9.78
CA LYS A 562 -7.08 -18.30 10.80
C LYS A 562 -6.21 -17.21 11.43
N ILE A 563 -6.85 -16.11 11.78
CA ILE A 563 -6.21 -15.07 12.57
C ILE A 563 -6.03 -15.64 13.98
N ALA A 564 -4.87 -15.41 14.58
CA ALA A 564 -4.60 -15.93 15.91
C ALA A 564 -4.68 -14.82 16.93
N TYR A 565 -4.66 -15.18 18.21
CA TYR A 565 -4.53 -14.17 19.24
C TYR A 565 -3.93 -14.70 20.52
N MET A 566 -3.37 -13.78 21.31
CA MET A 566 -2.90 -14.05 22.65
C MET A 566 -3.26 -12.86 23.53
N THR A 567 -3.21 -13.07 24.85
CA THR A 567 -3.64 -12.06 25.82
C THR A 567 -2.59 -11.86 26.91
N SER A 568 -2.38 -10.60 27.30
CA SER A 568 -1.58 -10.28 28.48
C SER A 568 -2.45 -9.59 29.54
N ARG A 569 -2.17 -9.86 30.80
CA ARG A 569 -2.96 -9.29 31.89
C ARG A 569 -2.11 -8.51 32.85
N ASP A 570 -0.81 -8.44 32.55
CA ASP A 570 0.12 -7.68 33.36
C ASP A 570 0.79 -6.62 32.49
N SER A 571 -0.01 -5.97 31.66
CA SER A 571 0.46 -4.91 30.76
C SER A 571 1.64 -5.31 29.85
N GLY A 572 1.61 -6.55 29.37
CA GLY A 572 2.62 -7.03 28.44
C GLY A 572 3.85 -7.74 28.99
N GLU A 573 3.96 -7.85 30.31
CA GLU A 573 5.10 -8.56 30.90
C GLU A 573 5.07 -10.02 30.44
N THR A 574 3.89 -10.62 30.48
CA THR A 574 3.75 -12.03 30.16
C THR A 574 2.56 -12.26 29.26
N TRP A 575 2.63 -13.33 28.47
CA TRP A 575 1.66 -13.58 27.42
C TRP A 575 1.08 -14.99 27.45
N SER A 576 -0.22 -15.07 27.19
CA SER A 576 -0.96 -16.33 27.15
C SER A 576 -0.51 -17.20 25.99
N LYS A 577 -1.01 -18.42 25.97
CA LYS A 577 -0.91 -19.31 24.82
C LYS A 577 -1.73 -18.76 23.64
N VAL A 578 -1.48 -19.30 22.46
CA VAL A 578 -2.16 -18.87 21.23
C VAL A 578 -3.50 -19.57 21.01
N SER A 579 -4.53 -18.78 20.70
CA SER A 579 -5.79 -19.31 20.21
C SER A 579 -6.05 -18.74 18.82
N TYR A 580 -7.16 -19.10 18.22
CA TYR A 580 -7.47 -18.65 16.87
C TYR A 580 -8.92 -18.21 16.78
N ILE A 581 -9.21 -17.30 15.85
CA ILE A 581 -10.56 -16.83 15.63
C ILE A 581 -11.28 -17.70 14.60
N ASP A 582 -12.51 -18.11 14.92
CA ASP A 582 -13.37 -18.79 13.95
C ASP A 582 -14.27 -17.73 13.32
N GLY A 583 -14.69 -17.98 12.08
CA GLY A 583 -15.63 -17.08 11.42
C GLY A 583 -15.00 -16.08 10.47
N ILE A 584 -13.68 -15.97 10.53
CA ILE A 584 -12.96 -15.17 9.54
C ILE A 584 -11.95 -16.06 8.86
N GLN A 585 -11.88 -15.98 7.54
CA GLN A 585 -10.90 -16.77 6.80
C GLN A 585 -9.80 -15.89 6.18
N GLN A 586 -8.56 -16.35 6.28
CA GLN A 586 -7.46 -15.77 5.52
C GLN A 586 -6.84 -16.85 4.64
N THR A 587 -5.87 -16.45 3.85
CA THR A 587 -5.18 -17.38 2.98
C THR A 587 -4.10 -18.09 3.79
N SER A 588 -3.57 -19.18 3.23
CA SER A 588 -2.43 -19.88 3.84
C SER A 588 -1.27 -18.93 4.18
N TYR A 589 -1.01 -17.95 3.32
CA TYR A 589 0.12 -17.06 3.57
C TYR A 589 -0.29 -15.91 4.48
N GLY A 590 -1.58 -15.62 4.55
CA GLY A 590 -2.16 -14.65 5.45
C GLY A 590 -1.92 -13.20 5.06
N THR A 591 -2.58 -12.28 5.78
CA THR A 591 -2.50 -10.84 5.52
C THR A 591 -2.55 -10.10 6.85
N GLN A 592 -1.85 -8.98 6.94
CA GLN A 592 -1.90 -8.11 8.12
C GLN A 592 -3.34 -7.81 8.53
N VAL A 593 -3.58 -7.76 9.83
CA VAL A 593 -4.89 -7.41 10.39
C VAL A 593 -4.77 -6.17 11.31
N SER A 594 -5.66 -5.19 11.14
CA SER A 594 -5.63 -4.01 12.01
C SER A 594 -6.76 -4.03 13.03
N ALA A 595 -6.51 -3.45 14.21
CA ALA A 595 -7.46 -3.56 15.32
C ALA A 595 -7.50 -2.35 16.25
N ILE A 596 -8.69 -2.00 16.71
CA ILE A 596 -8.84 -1.00 17.76
C ILE A 596 -9.86 -1.41 18.80
N LYS A 597 -9.68 -0.89 20.01
CA LYS A 597 -10.70 -0.94 21.02
C LYS A 597 -11.60 0.28 20.77
N TYR A 598 -12.87 0.05 20.45
CA TYR A 598 -13.81 1.17 20.26
C TYR A 598 -14.15 1.84 21.59
N SER A 599 -14.27 3.17 21.59
CA SER A 599 -14.47 3.90 22.83
C SER A 599 -15.88 3.75 23.39
N GLN A 600 -16.84 3.44 22.53
CA GLN A 600 -18.25 3.44 22.94
C GLN A 600 -18.81 2.03 23.01
N LEU A 601 -19.67 1.80 24.00
CA LEU A 601 -20.30 0.51 24.19
C LEU A 601 -21.20 0.24 23.02
N ILE A 602 -21.29 -1.02 22.62
CA ILE A 602 -22.17 -1.44 21.53
C ILE A 602 -23.01 -2.63 21.99
N ASP A 603 -24.33 -2.50 21.89
CA ASP A 603 -25.25 -3.45 22.50
C ASP A 603 -24.88 -3.63 23.97
N GLY A 604 -24.41 -2.53 24.58
CA GLY A 604 -24.09 -2.49 25.99
C GLY A 604 -22.81 -3.18 26.41
N LYS A 605 -21.97 -3.55 25.45
CA LYS A 605 -20.74 -4.30 25.76
C LYS A 605 -19.50 -3.64 25.16
N GLU A 606 -18.34 -3.90 25.77
CA GLU A 606 -17.05 -3.41 25.26
C GLU A 606 -16.87 -3.89 23.84
N ALA A 607 -16.34 -3.03 22.98
CA ALA A 607 -16.25 -3.37 21.57
C ALA A 607 -14.84 -3.21 21.00
N VAL A 608 -14.42 -4.23 20.25
CA VAL A 608 -13.18 -4.22 19.48
C VAL A 608 -13.54 -4.27 17.99
N ILE A 609 -12.78 -3.58 17.15
CA ILE A 609 -13.00 -3.66 15.71
C ILE A 609 -11.76 -4.22 14.99
N LEU A 610 -12.00 -5.22 14.13
CA LEU A 610 -10.93 -5.88 13.36
C LEU A 610 -11.07 -5.57 11.88
N SER A 611 -9.96 -5.29 11.21
CA SER A 611 -9.97 -5.05 9.75
C SER A 611 -9.09 -6.04 9.01
N THR A 612 -9.66 -6.75 8.04
CA THR A 612 -8.96 -7.85 7.39
C THR A 612 -9.70 -8.32 6.13
N PRO A 613 -8.94 -8.87 5.17
CA PRO A 613 -9.63 -9.65 4.14
C PRO A 613 -10.39 -10.79 4.80
N ASN A 614 -11.56 -11.13 4.29
CA ASN A 614 -12.24 -12.36 4.72
C ASN A 614 -12.34 -13.29 3.52
N SER A 615 -11.33 -14.15 3.39
CA SER A 615 -11.23 -15.01 2.20
C SER A 615 -10.11 -16.08 2.29
N ARG A 616 -10.41 -17.30 1.82
CA ARG A 616 -9.37 -18.32 1.77
C ARG A 616 -8.67 -18.41 0.39
N SER A 617 -9.16 -17.67 -0.61
CA SER A 617 -8.56 -17.68 -1.95
C SER A 617 -7.50 -16.60 -2.18
N GLY A 618 -7.85 -15.37 -1.87
CA GLY A 618 -6.92 -14.27 -2.09
C GLY A 618 -7.14 -13.12 -1.12
N ARG A 619 -6.43 -12.02 -1.38
CA ARG A 619 -6.59 -10.81 -0.60
C ARG A 619 -7.74 -9.98 -1.15
N LYS A 620 -8.94 -10.35 -0.73
CA LYS A 620 -10.17 -9.70 -1.17
C LYS A 620 -11.25 -9.90 -0.11
N GLY A 621 -12.42 -9.33 -0.37
CA GLY A 621 -13.52 -9.41 0.58
C GLY A 621 -13.21 -8.73 1.90
N GLY A 622 -12.84 -7.46 1.82
CA GLY A 622 -12.51 -6.70 3.00
C GLY A 622 -13.64 -6.60 3.99
N GLN A 623 -13.29 -6.71 5.26
CA GLN A 623 -14.28 -6.60 6.29
C GLN A 623 -13.80 -5.84 7.52
N LEU A 624 -14.73 -5.12 8.12
CA LEU A 624 -14.57 -4.71 9.50
C LEU A 624 -15.44 -5.68 10.29
N VAL A 625 -14.87 -6.33 11.30
CA VAL A 625 -15.65 -7.24 12.13
C VAL A 625 -15.73 -6.68 13.56
N VAL A 626 -16.95 -6.51 14.05
CA VAL A 626 -17.13 -5.93 15.38
C VAL A 626 -17.33 -7.02 16.43
N GLY A 627 -16.49 -7.01 17.46
CA GLY A 627 -16.58 -8.00 18.51
C GLY A 627 -17.05 -7.41 19.82
N LEU A 628 -17.93 -8.14 20.50
CA LEU A 628 -18.40 -7.74 21.83
C LEU A 628 -17.71 -8.60 22.89
N VAL A 629 -17.06 -7.94 23.85
CA VAL A 629 -16.30 -8.64 24.89
C VAL A 629 -17.24 -9.25 25.93
N ASN A 630 -16.96 -10.49 26.33
CA ASN A 630 -17.73 -11.12 27.41
C ASN A 630 -16.98 -10.97 28.71
N LYS A 631 -17.39 -9.99 29.51
CA LYS A 631 -16.67 -9.62 30.72
C LYS A 631 -16.37 -10.76 31.71
N GLU A 632 -17.06 -11.89 31.58
CA GLU A 632 -16.87 -12.97 32.53
C GLU A 632 -15.67 -13.83 32.17
N ASP A 633 -15.12 -13.64 30.97
CA ASP A 633 -13.99 -14.45 30.54
C ASP A 633 -13.14 -13.79 29.44
N ASP A 634 -13.49 -12.54 29.09
CA ASP A 634 -12.76 -11.77 28.08
C ASP A 634 -12.73 -12.44 26.70
N SER A 635 -13.66 -13.35 26.47
CA SER A 635 -13.82 -13.94 25.16
C SER A 635 -14.54 -12.91 24.30
N ILE A 636 -14.45 -13.06 22.99
CA ILE A 636 -15.07 -12.09 22.10
C ILE A 636 -16.08 -12.73 21.16
N ASP A 637 -17.31 -12.24 21.18
CA ASP A 637 -18.32 -12.65 20.20
C ASP A 637 -18.27 -11.77 18.95
N TRP A 638 -17.83 -12.33 17.84
CA TRP A 638 -17.79 -11.58 16.59
C TRP A 638 -19.18 -11.51 15.97
N LYS A 639 -19.87 -10.40 16.23
CA LYS A 639 -21.30 -10.28 15.98
C LYS A 639 -21.66 -9.61 14.66
N TYR A 640 -20.90 -8.59 14.27
CA TYR A 640 -21.18 -7.88 13.03
C TYR A 640 -20.02 -7.95 12.03
N HIS A 641 -20.34 -8.34 10.80
CA HIS A 641 -19.37 -8.34 9.71
C HIS A 641 -19.76 -7.26 8.68
N TYR A 642 -18.89 -6.29 8.48
CA TYR A 642 -19.14 -5.25 7.48
C TYR A 642 -18.26 -5.41 6.24
N ASP A 643 -18.90 -5.63 5.09
CA ASP A 643 -18.18 -5.78 3.84
C ASP A 643 -17.78 -4.41 3.32
N ILE A 644 -16.48 -4.16 3.19
CA ILE A 644 -15.98 -2.87 2.72
C ILE A 644 -16.41 -2.64 1.26
N ASP A 645 -16.38 -3.72 0.48
CA ASP A 645 -16.81 -3.73 -0.91
C ASP A 645 -17.06 -5.20 -1.25
N LEU A 646 -17.30 -5.51 -2.53
CA LEU A 646 -17.64 -6.87 -2.94
C LEU A 646 -16.66 -7.94 -2.43
N PRO A 647 -17.15 -9.16 -2.22
CA PRO A 647 -16.27 -10.27 -1.81
C PRO A 647 -15.15 -10.50 -2.81
N SER A 648 -15.36 -10.11 -4.06
CA SER A 648 -14.39 -10.38 -5.12
C SER A 648 -13.43 -9.21 -5.35
N TYR A 649 -13.70 -8.07 -4.73
CA TYR A 649 -12.84 -6.88 -4.92
C TYR A 649 -11.71 -6.90 -3.91
N GLY A 650 -10.55 -6.41 -4.32
CA GLY A 650 -9.33 -6.52 -3.54
C GLY A 650 -9.34 -5.79 -2.21
N TYR A 651 -8.69 -6.40 -1.22
CA TYR A 651 -8.55 -5.79 0.10
C TYR A 651 -7.36 -6.43 0.77
N ALA A 652 -6.33 -5.63 1.04
CA ALA A 652 -5.12 -6.22 1.60
C ALA A 652 -4.75 -5.62 2.96
N TYR A 653 -3.55 -5.07 3.08
CA TYR A 653 -3.13 -4.46 4.34
C TYR A 653 -4.05 -3.29 4.68
N SER A 654 -4.19 -3.01 5.98
CA SER A 654 -5.09 -1.94 6.38
C SER A 654 -4.75 -1.26 7.71
N ALA A 655 -5.41 -0.14 7.93
CA ALA A 655 -5.29 0.66 9.14
C ALA A 655 -6.67 1.23 9.48
N ILE A 656 -7.06 1.11 10.74
CA ILE A 656 -8.32 1.65 11.20
C ILE A 656 -8.06 2.51 12.43
N THR A 657 -8.86 3.55 12.61
CA THR A 657 -8.70 4.37 13.78
C THR A 657 -10.05 4.95 14.19
N GLU A 658 -10.28 5.13 15.47
CA GLU A 658 -11.46 5.86 15.89
C GLU A 658 -11.17 7.36 15.81
N LEU A 659 -11.83 8.03 14.86
CA LEU A 659 -11.66 9.48 14.69
C LEU A 659 -12.27 10.18 15.90
N PRO A 660 -11.88 11.44 16.17
CA PRO A 660 -12.37 12.10 17.37
C PRO A 660 -13.88 12.23 17.45
N ASN A 661 -14.56 12.14 16.32
CA ASN A 661 -16.01 12.28 16.31
C ASN A 661 -16.70 10.92 16.47
N HIS A 662 -15.88 9.89 16.73
CA HIS A 662 -16.32 8.50 16.91
C HIS A 662 -16.71 7.80 15.61
N HIS A 663 -16.40 8.41 14.47
CA HIS A 663 -16.45 7.70 13.22
C HIS A 663 -15.24 6.81 13.16
N ILE A 664 -15.20 5.93 12.15
CA ILE A 664 -14.08 5.02 11.94
C ILE A 664 -13.40 5.37 10.63
N GLY A 665 -12.09 5.59 10.69
CA GLY A 665 -11.32 5.84 9.50
C GLY A 665 -10.59 4.58 9.05
N VAL A 666 -10.64 4.31 7.74
CA VAL A 666 -9.98 3.13 7.18
C VAL A 666 -9.10 3.54 5.99
N LEU A 667 -7.82 3.19 6.09
CA LEU A 667 -6.87 3.46 5.02
C LEU A 667 -6.33 2.10 4.66
N PHE A 668 -6.47 1.72 3.40
CA PHE A 668 -6.21 0.31 3.06
C PHE A 668 -5.78 0.11 1.62
N GLU A 669 -5.07 -0.99 1.40
CA GLU A 669 -4.73 -1.41 0.06
C GLU A 669 -5.95 -2.00 -0.63
N LYS A 670 -6.62 -1.21 -1.47
CA LYS A 670 -7.73 -1.75 -2.26
C LYS A 670 -7.26 -2.52 -3.50
N TYR A 671 -6.57 -3.63 -3.28
CA TYR A 671 -6.21 -4.55 -4.35
C TYR A 671 -5.55 -5.72 -3.70
N ASP A 672 -5.21 -6.72 -4.53
CA ASP A 672 -4.51 -7.89 -4.05
C ASP A 672 -2.98 -7.69 -4.11
N SER A 673 -2.40 -7.38 -2.96
CA SER A 673 -0.98 -7.04 -2.90
C SER A 673 -0.12 -8.29 -2.81
N TRP A 674 -0.77 -9.46 -2.86
CA TRP A 674 -0.05 -10.72 -2.94
C TRP A 674 0.05 -11.17 -4.41
N SER A 675 -1.05 -10.99 -5.14
CA SER A 675 -1.15 -11.48 -6.51
C SER A 675 -0.03 -10.96 -7.41
N ARG A 676 0.54 -11.87 -8.22
CA ARG A 676 1.56 -11.46 -9.18
C ARG A 676 0.96 -10.78 -10.42
N ASN A 677 -0.36 -10.72 -10.49
CA ASN A 677 -1.04 -10.02 -11.57
C ASN A 677 -1.33 -8.57 -11.24
N GLU A 678 -1.15 -8.18 -9.99
CA GLU A 678 -1.58 -6.85 -9.54
C GLU A 678 -0.45 -6.03 -8.92
N LEU A 679 0.76 -6.23 -9.41
CA LEU A 679 1.89 -5.43 -8.96
C LEU A 679 1.82 -4.06 -9.60
N HIS A 680 2.45 -3.09 -8.97
CA HIS A 680 2.67 -1.79 -9.57
C HIS A 680 1.40 -1.10 -10.07
N LEU A 681 0.34 -1.11 -9.27
CA LEU A 681 -0.84 -0.28 -9.53
C LEU A 681 -0.71 1.03 -8.75
N SER A 682 -1.10 2.14 -9.38
CA SER A 682 -1.08 3.44 -8.70
C SER A 682 -2.39 3.80 -8.03
N ASN A 683 -2.31 4.49 -6.91
CA ASN A 683 -3.50 5.01 -6.22
C ASN A 683 -4.52 3.94 -5.82
N VAL A 684 -4.05 2.85 -5.21
CA VAL A 684 -4.95 1.83 -4.72
C VAL A 684 -4.99 1.77 -3.19
N VAL A 685 -4.08 2.47 -2.52
CA VAL A 685 -4.23 2.73 -1.10
C VAL A 685 -5.25 3.86 -0.92
N GLN A 686 -6.41 3.52 -0.36
CA GLN A 686 -7.51 4.48 -0.28
C GLN A 686 -8.08 4.65 1.12
N TYR A 687 -8.73 5.80 1.34
CA TYR A 687 -9.25 6.14 2.65
C TYR A 687 -10.76 6.26 2.62
N ILE A 688 -11.44 5.68 3.60
CA ILE A 688 -12.89 5.86 3.71
C ILE A 688 -13.31 6.22 5.13
N ASP A 689 -14.50 6.78 5.25
CA ASP A 689 -15.05 7.18 6.53
C ASP A 689 -16.31 6.36 6.81
N LEU A 690 -16.37 5.77 8.00
CA LEU A 690 -17.53 4.97 8.39
C LEU A 690 -18.02 5.41 9.75
N GLU A 691 -19.30 5.19 10.00
CA GLU A 691 -19.90 5.39 11.32
C GLU A 691 -20.35 4.03 11.80
N ILE A 692 -20.50 3.86 13.12
CA ILE A 692 -20.73 2.53 13.67
C ILE A 692 -22.01 1.91 13.16
N ASN A 693 -23.04 2.72 12.97
CA ASN A 693 -24.29 2.17 12.48
C ASN A 693 -24.23 1.66 11.05
N ASP A 694 -23.22 2.07 10.30
CA ASP A 694 -22.95 1.48 9.00
C ASP A 694 -22.48 0.06 9.21
N LEU A 695 -21.62 -0.14 10.20
CA LEU A 695 -21.02 -1.43 10.46
C LEU A 695 -22.05 -2.44 10.95
N THR A 696 -23.02 -1.97 11.74
CA THR A 696 -24.03 -2.85 12.30
C THR A 696 -25.31 -2.77 11.47
#